data_1JCQ
#
_entry.id   1JCQ
#
_cell.length_a   178.476
_cell.length_b   178.476
_cell.length_c   64.842
_cell.angle_alpha   90.00
_cell.angle_beta   90.00
_cell.angle_gamma   120.00
#
_symmetry.space_group_name_H-M   'P 61'
#
loop_
_entity.id
_entity.type
_entity.pdbx_description
1 polymer 'PROTEIN FARNESYLTRANSFERASE, ALPHA SUBUNIT'
2 polymer 'PROTEIN FARNESYLTRANSFERASE, BETA SUBUNIT'
3 branched beta-D-fructofuranose-(2-1)-alpha-D-glucopyranose
4 non-polymer 'ACETIC ACID'
5 non-polymer 'ZINC ION'
6 non-polymer 'FARNESYL DIPHOSPHATE'
7 non-polymer '2(S)-{2(S)-[2(R)-AMINO-3-MERCAPTO]PROPYLAMINO-3(S)-METHYL}PENTYLOXY-3-PHENYLPROPIONYLMETHIONINE SULFONE'
8 water water
#
loop_
_entity_poly.entity_id
_entity_poly.type
_entity_poly.pdbx_seq_one_letter_code
_entity_poly.pdbx_strand_id
1 'polypeptide(L)'
;MAATEGVGEAAQGGEPGQPAQPPPQPHPPPPQQQHKEEMAAEAGEAVASPMDDGFVSLDSPSYVLYRDRAEWADIDPVPQ
NDGPNPVVQIIYSDKFRDVYDYFRAVLQRDERSERAFKLTRDAIELNAANYTVWHFRRVLLKSLQKDLHEEMNYITAIIE
EQPKNYQVWHHRRVLVEWLRDPSQELEFIADILNQDAKNYHAWQHRQWVIQEFKLWDNELQYVDQLLKEDVRNNSVWNQR
YFVISNTTGYNDRAVLEREVQYTLEMIKLVPHNESAWNYLKGILQDRGLSKYPNLLNQLLDLQPSHSSPYLIAFLVDIYE
DMLENQCDNKEDILNKALELCEILAKEKDTIRKEYWRYIGRSLQSKHSTENDSPTNVQQEEF
;
A
2 'polypeptide(L)'
;MASPSSFTYYCPPSSSPVWSEPLYSLRPEHARERLQDDSVETVTSIEQAKVEEKIQEVFSSYKFNHLVPRLVLQREKHFH
YLKRGLRQLTDAYECLDASRPWLCYWILHSLELLDEPIPQIVATDVCQFLELCQSPEGGFGGGPGQYPHLAPTYAAVNAL
CIIGTEEAYDIINREKLLQYLYSLKQPDGSFLMHVGGEVDVRSAYCAASVASLTNIITPDLFEGTAEWIARCQNWEGGIG
GVPGMEAHGGYTFCGLAALVILKRERSLNLKSLLQWVTSRQMRFEGGFQGRCNKLVDGCYSFWQAGLLPLLHRALHAQGD
PALSMSHWMFHQQALQEYILMCCQCPAGGLLDKPGKSRDFYHTCYCLSGLSIAQHFGSGAMLHDVVLGVPENALQPTHPV
YNIGPDKVIQATTYFLQKPVPGFEELKDETSAEPATD
;
B
#
loop_
_chem_comp.id
_chem_comp.type
_chem_comp.name
_chem_comp.formula
739 non-polymer '2(S)-{2(S)-[2(R)-AMINO-3-MERCAPTO]PROPYLAMINO-3(S)-METHYL}PENTYLOXY-3-PHENYLPROPIONYLMETHIONINE SULFONE' 'C23 H39 N3 O6 S2'
ACY non-polymer 'ACETIC ACID' 'C2 H4 O2'
FPP non-polymer 'FARNESYL DIPHOSPHATE' 'C15 H28 O7 P2'
FRU D-saccharide, beta linking beta-D-fructofuranose 'C6 H12 O6'
GLC D-saccharide, alpha linking alpha-D-glucopyranose 'C6 H12 O6'
ZN non-polymer 'ZINC ION' 'Zn 2'
#
# COMPACT_ATOMS: atom_id res chain seq x y z
N PHE A 55 18.99 -30.65 -9.74
CA PHE A 55 19.82 -31.32 -10.78
C PHE A 55 20.54 -30.34 -11.72
N VAL A 56 19.84 -29.83 -12.72
CA VAL A 56 20.43 -28.87 -13.64
C VAL A 56 19.67 -27.52 -13.63
N SER A 57 20.37 -26.48 -13.21
CA SER A 57 19.80 -25.14 -13.15
C SER A 57 19.38 -24.63 -14.53
N LEU A 58 18.45 -23.68 -14.54
CA LEU A 58 17.91 -23.08 -15.76
C LEU A 58 18.94 -22.31 -16.62
N ASP A 59 20.03 -21.87 -16.01
CA ASP A 59 21.06 -21.15 -16.75
C ASP A 59 22.32 -21.99 -16.87
N SER A 60 22.27 -23.21 -16.38
CA SER A 60 23.41 -24.11 -16.47
C SER A 60 23.69 -24.39 -17.94
N PRO A 61 24.97 -24.55 -18.31
CA PRO A 61 25.31 -24.82 -19.71
C PRO A 61 24.69 -26.10 -20.26
N SER A 62 24.51 -27.13 -19.43
CA SER A 62 23.92 -28.37 -19.90
C SER A 62 22.41 -28.44 -19.70
N TYR A 63 21.79 -27.30 -19.44
CA TYR A 63 20.36 -27.28 -19.25
C TYR A 63 19.71 -27.73 -20.56
N VAL A 64 18.63 -28.50 -20.46
CA VAL A 64 17.92 -28.99 -21.64
C VAL A 64 16.44 -28.64 -21.47
N LEU A 65 15.80 -28.18 -22.54
CA LEU A 65 14.39 -27.85 -22.45
C LEU A 65 13.59 -29.09 -22.15
N TYR A 66 12.46 -28.92 -21.45
CA TYR A 66 11.61 -30.04 -21.10
C TYR A 66 11.06 -30.78 -22.30
N ARG A 67 10.76 -30.08 -23.39
CA ARG A 67 10.24 -30.76 -24.57
C ARG A 67 11.27 -31.70 -25.21
N ASP A 68 12.53 -31.57 -24.78
CA ASP A 68 13.63 -32.39 -25.29
C ASP A 68 14.09 -33.43 -24.29
N ARG A 69 13.52 -33.47 -23.09
CA ARG A 69 13.91 -34.44 -22.10
C ARG A 69 13.11 -35.72 -22.29
N ALA A 70 13.82 -36.83 -22.45
CA ALA A 70 13.22 -38.14 -22.66
C ALA A 70 12.28 -38.55 -21.53
N GLU A 71 12.70 -38.32 -20.29
CA GLU A 71 11.90 -38.67 -19.13
C GLU A 71 10.58 -37.89 -19.06
N TRP A 72 10.32 -37.01 -20.03
CA TRP A 72 9.10 -36.21 -20.05
C TRP A 72 8.33 -36.43 -21.34
N ALA A 73 8.83 -37.29 -22.21
CA ALA A 73 8.21 -37.56 -23.50
C ALA A 73 6.80 -38.17 -23.42
N ASP A 74 6.56 -38.94 -22.38
CA ASP A 74 5.26 -39.61 -22.20
C ASP A 74 4.12 -38.63 -21.96
N ILE A 75 4.46 -37.44 -21.46
CA ILE A 75 3.43 -36.46 -21.16
C ILE A 75 3.42 -35.31 -22.17
N ASP A 76 2.23 -34.98 -22.66
CA ASP A 76 2.07 -33.90 -23.62
C ASP A 76 2.00 -32.57 -22.92
N PRO A 77 2.68 -31.55 -23.43
CA PRO A 77 2.62 -30.25 -22.76
C PRO A 77 1.23 -29.62 -23.00
N VAL A 78 0.83 -28.76 -22.06
CA VAL A 78 -0.44 -28.05 -22.13
C VAL A 78 -0.15 -26.57 -22.36
N PRO A 79 -0.29 -26.12 -23.62
CA PRO A 79 -0.02 -24.70 -23.92
C PRO A 79 -1.07 -23.83 -23.25
N GLN A 80 -0.68 -22.61 -22.89
CA GLN A 80 -1.58 -21.66 -22.25
C GLN A 80 -2.55 -21.11 -23.28
N ASN A 81 -3.85 -21.14 -23.00
CA ASN A 81 -4.79 -20.61 -23.96
C ASN A 81 -5.21 -19.20 -23.59
N ASP A 82 -4.77 -18.24 -24.40
CA ASP A 82 -5.05 -16.82 -24.20
C ASP A 82 -6.26 -16.36 -24.99
N GLY A 83 -6.85 -17.27 -25.76
CA GLY A 83 -7.99 -16.91 -26.57
C GLY A 83 -7.50 -16.51 -27.96
N PRO A 84 -8.42 -16.42 -28.94
CA PRO A 84 -8.10 -16.05 -30.32
C PRO A 84 -7.43 -14.68 -30.45
N ASN A 85 -7.95 -13.69 -29.73
CA ASN A 85 -7.42 -12.33 -29.77
C ASN A 85 -6.85 -11.97 -28.40
N PRO A 86 -5.55 -12.19 -28.20
CA PRO A 86 -4.87 -11.92 -26.94
C PRO A 86 -4.73 -10.46 -26.50
N VAL A 87 -4.94 -10.25 -25.20
CA VAL A 87 -4.80 -8.95 -24.58
C VAL A 87 -3.72 -9.16 -23.54
N VAL A 88 -3.03 -8.08 -23.16
CA VAL A 88 -1.94 -8.10 -22.19
C VAL A 88 -1.07 -9.34 -22.33
N GLN A 89 -0.89 -9.77 -23.57
CA GLN A 89 -0.15 -10.95 -23.88
C GLN A 89 1.37 -10.80 -23.85
N ILE A 90 1.98 -11.53 -22.92
CA ILE A 90 3.43 -11.50 -22.75
C ILE A 90 4.13 -12.41 -23.76
N ILE A 91 5.14 -11.87 -24.43
CA ILE A 91 5.91 -12.62 -25.40
C ILE A 91 7.00 -13.32 -24.59
N TYR A 92 6.68 -14.54 -24.17
CA TYR A 92 7.60 -15.33 -23.34
C TYR A 92 8.84 -15.87 -24.04
N SER A 93 9.91 -16.01 -23.28
CA SER A 93 11.13 -16.57 -23.81
C SER A 93 10.80 -18.04 -24.06
N ASP A 94 11.61 -18.71 -24.86
CA ASP A 94 11.33 -20.11 -25.14
C ASP A 94 11.47 -20.98 -23.89
N LYS A 95 12.45 -20.68 -23.04
CA LYS A 95 12.66 -21.45 -21.82
C LYS A 95 11.50 -21.31 -20.84
N PHE A 96 11.02 -20.07 -20.70
CA PHE A 96 9.91 -19.75 -19.80
C PHE A 96 8.67 -20.50 -20.24
N ARG A 97 8.29 -20.32 -21.50
CA ARG A 97 7.11 -20.99 -22.02
C ARG A 97 7.26 -22.50 -21.90
N ASP A 98 8.42 -23.02 -22.27
CA ASP A 98 8.68 -24.45 -22.20
C ASP A 98 8.36 -25.00 -20.82
N VAL A 99 8.89 -24.38 -19.77
CA VAL A 99 8.65 -24.83 -18.41
C VAL A 99 7.19 -24.76 -18.02
N TYR A 100 6.56 -23.63 -18.31
CA TYR A 100 5.16 -23.44 -17.95
C TYR A 100 4.19 -24.32 -18.71
N ASP A 101 4.58 -24.77 -19.90
CA ASP A 101 3.74 -25.66 -20.69
C ASP A 101 3.68 -27.04 -20.04
N TYR A 102 4.77 -27.42 -19.36
CA TYR A 102 4.83 -28.69 -18.67
C TYR A 102 4.24 -28.57 -17.29
N PHE A 103 4.42 -27.42 -16.65
CA PHE A 103 3.83 -27.21 -15.35
C PHE A 103 2.31 -27.29 -15.56
N ARG A 104 1.82 -26.62 -16.60
CA ARG A 104 0.40 -26.65 -16.88
C ARG A 104 -0.08 -28.09 -17.02
N ALA A 105 0.69 -28.93 -17.70
CA ALA A 105 0.32 -30.32 -17.90
C ALA A 105 0.30 -31.16 -16.65
N VAL A 106 1.32 -31.04 -15.78
CA VAL A 106 1.35 -31.81 -14.54
C VAL A 106 0.22 -31.37 -13.61
N LEU A 107 0.02 -30.06 -13.52
CA LEU A 107 -1.01 -29.50 -12.65
C LEU A 107 -2.36 -30.02 -13.08
N GLN A 108 -2.61 -29.96 -14.38
CA GLN A 108 -3.86 -30.43 -14.96
C GLN A 108 -4.11 -31.91 -14.70
N ARG A 109 -3.04 -32.70 -14.72
CA ARG A 109 -3.12 -34.14 -14.45
C ARG A 109 -2.96 -34.42 -12.97
N ASP A 110 -2.72 -33.38 -12.17
CA ASP A 110 -2.53 -33.51 -10.73
C ASP A 110 -1.51 -34.62 -10.42
N GLU A 111 -0.44 -34.63 -11.20
CA GLU A 111 0.60 -35.64 -11.03
C GLU A 111 1.51 -35.31 -9.86
N ARG A 112 1.41 -36.11 -8.81
CA ARG A 112 2.23 -35.93 -7.62
C ARG A 112 3.55 -36.68 -7.78
N SER A 113 4.36 -36.31 -8.76
CA SER A 113 5.61 -36.99 -9.00
C SER A 113 6.86 -36.22 -8.60
N GLU A 114 7.98 -36.92 -8.53
CA GLU A 114 9.25 -36.29 -8.20
C GLU A 114 9.70 -35.40 -9.36
N ARG A 115 9.35 -35.77 -10.59
CA ARG A 115 9.76 -34.95 -11.72
C ARG A 115 9.00 -33.64 -11.71
N ALA A 116 7.75 -33.71 -11.30
CA ALA A 116 6.90 -32.54 -11.20
C ALA A 116 7.48 -31.64 -10.11
N PHE A 117 7.94 -32.25 -9.01
CA PHE A 117 8.52 -31.50 -7.90
C PHE A 117 9.74 -30.70 -8.34
N LYS A 118 10.62 -31.33 -9.11
CA LYS A 118 11.82 -30.65 -9.59
C LYS A 118 11.40 -29.59 -10.60
N LEU A 119 10.37 -29.89 -11.37
CA LEU A 119 9.88 -28.98 -12.36
C LEU A 119 9.44 -27.66 -11.72
N THR A 120 8.82 -27.73 -10.54
CA THR A 120 8.39 -26.51 -9.86
C THR A 120 9.56 -25.61 -9.51
N ARG A 121 10.71 -26.19 -9.23
CA ARG A 121 11.88 -25.39 -8.90
C ARG A 121 12.23 -24.48 -10.07
N ASP A 122 12.10 -25.00 -11.29
CA ASP A 122 12.42 -24.20 -12.47
C ASP A 122 11.34 -23.15 -12.72
N ALA A 123 10.09 -23.53 -12.52
CA ALA A 123 8.98 -22.59 -12.70
C ALA A 123 9.17 -21.41 -11.73
N ILE A 124 9.62 -21.72 -10.52
CA ILE A 124 9.87 -20.72 -9.48
C ILE A 124 11.03 -19.80 -9.83
N GLU A 125 12.06 -20.33 -10.48
CA GLU A 125 13.17 -19.48 -10.86
C GLU A 125 12.69 -18.52 -11.97
N LEU A 126 11.86 -19.03 -12.87
CA LEU A 126 11.33 -18.23 -13.97
C LEU A 126 10.40 -17.15 -13.45
N ASN A 127 9.63 -17.47 -12.41
CA ASN A 127 8.72 -16.50 -11.82
C ASN A 127 8.41 -16.88 -10.36
N ALA A 128 9.19 -16.34 -9.43
CA ALA A 128 9.01 -16.63 -8.01
C ALA A 128 7.71 -16.08 -7.43
N ALA A 129 6.98 -15.29 -8.20
CA ALA A 129 5.73 -14.72 -7.70
C ALA A 129 4.54 -15.53 -8.16
N ASN A 130 4.78 -16.65 -8.82
CA ASN A 130 3.68 -17.48 -9.28
C ASN A 130 3.21 -18.32 -8.10
N TYR A 131 2.17 -17.83 -7.44
CA TYR A 131 1.58 -18.48 -6.27
C TYR A 131 0.99 -19.87 -6.53
N THR A 132 0.50 -20.10 -7.75
CA THR A 132 -0.04 -21.42 -8.11
C THR A 132 1.07 -22.47 -8.07
N VAL A 133 2.25 -22.12 -8.60
CA VAL A 133 3.38 -23.05 -8.60
C VAL A 133 3.79 -23.36 -7.16
N TRP A 134 3.93 -22.32 -6.34
CA TRP A 134 4.31 -22.51 -4.94
C TRP A 134 3.32 -23.40 -4.21
N HIS A 135 2.03 -23.21 -4.47
CA HIS A 135 1.03 -24.04 -3.81
C HIS A 135 1.14 -25.51 -4.19
N PHE A 136 1.21 -25.77 -5.49
CA PHE A 136 1.32 -27.13 -5.97
C PHE A 136 2.60 -27.75 -5.40
N ARG A 137 3.65 -26.94 -5.26
CA ARG A 137 4.90 -27.44 -4.72
C ARG A 137 4.68 -27.90 -3.27
N ARG A 138 3.92 -27.13 -2.49
CA ARG A 138 3.63 -27.51 -1.11
C ARG A 138 2.79 -28.77 -1.09
N VAL A 139 1.93 -28.91 -2.09
CA VAL A 139 1.11 -30.11 -2.21
C VAL A 139 2.03 -31.32 -2.48
N LEU A 140 3.13 -31.10 -3.21
CA LEU A 140 4.09 -32.16 -3.52
C LEU A 140 4.98 -32.50 -2.33
N LEU A 141 5.34 -31.49 -1.54
CA LEU A 141 6.17 -31.72 -0.38
C LEU A 141 5.45 -32.71 0.53
N LYS A 142 4.14 -32.56 0.62
CA LYS A 142 3.34 -33.44 1.45
C LYS A 142 3.22 -34.83 0.83
N SER A 143 2.71 -34.93 -0.40
CA SER A 143 2.57 -36.22 -1.09
C SER A 143 3.86 -37.02 -1.11
N LEU A 144 4.92 -36.44 -1.66
CA LEU A 144 6.20 -37.10 -1.76
C LEU A 144 6.93 -37.19 -0.43
N GLN A 145 6.36 -36.60 0.62
CA GLN A 145 6.97 -36.63 1.95
C GLN A 145 8.43 -36.20 1.91
N LYS A 146 8.68 -35.11 1.20
CA LYS A 146 10.03 -34.58 1.06
C LYS A 146 10.57 -34.12 2.40
N ASP A 147 11.90 -34.14 2.55
CA ASP A 147 12.51 -33.68 3.78
C ASP A 147 12.32 -32.17 3.88
N LEU A 148 11.58 -31.74 4.88
CA LEU A 148 11.32 -30.32 5.05
C LEU A 148 12.55 -29.48 5.37
N HIS A 149 13.57 -30.08 6.00
CA HIS A 149 14.76 -29.31 6.33
C HIS A 149 15.51 -28.96 5.05
N GLU A 150 15.30 -29.78 4.03
CA GLU A 150 15.93 -29.58 2.73
C GLU A 150 15.27 -28.34 2.13
N GLU A 151 13.94 -28.37 2.11
CA GLU A 151 13.11 -27.29 1.59
C GLU A 151 13.40 -26.00 2.33
N MET A 152 13.69 -26.09 3.63
CA MET A 152 13.99 -24.91 4.41
C MET A 152 15.24 -24.27 3.84
N ASN A 153 16.19 -25.11 3.45
CA ASN A 153 17.43 -24.62 2.87
C ASN A 153 17.16 -23.97 1.52
N TYR A 154 16.26 -24.55 0.75
CA TYR A 154 15.89 -24.01 -0.54
C TYR A 154 15.25 -22.61 -0.38
N ILE A 155 14.19 -22.53 0.42
CA ILE A 155 13.49 -21.27 0.64
C ILE A 155 14.41 -20.22 1.25
N THR A 156 15.41 -20.66 2.01
CA THR A 156 16.37 -19.73 2.61
C THR A 156 17.17 -19.07 1.48
N ALA A 157 17.53 -19.89 0.49
CA ALA A 157 18.29 -19.43 -0.66
C ALA A 157 17.43 -18.47 -1.47
N ILE A 158 16.21 -18.90 -1.80
CA ILE A 158 15.28 -18.09 -2.57
C ILE A 158 15.02 -16.70 -1.98
N ILE A 159 14.65 -16.67 -0.70
CA ILE A 159 14.36 -15.42 -0.02
C ILE A 159 15.56 -14.50 -0.08
N GLU A 160 16.76 -15.08 0.03
CA GLU A 160 17.97 -14.29 -0.03
C GLU A 160 18.10 -13.53 -1.35
N GLU A 161 17.75 -14.17 -2.47
CA GLU A 161 17.84 -13.50 -3.77
C GLU A 161 16.77 -12.45 -3.94
N GLN A 162 15.54 -12.78 -3.56
CA GLN A 162 14.44 -11.85 -3.70
C GLN A 162 13.56 -11.81 -2.45
N PRO A 163 13.96 -11.00 -1.46
CA PRO A 163 13.23 -10.86 -0.20
C PRO A 163 11.95 -10.02 -0.26
N LYS A 164 11.69 -9.36 -1.39
CA LYS A 164 10.47 -8.58 -1.55
C LYS A 164 9.49 -9.38 -2.38
N ASN A 165 8.97 -10.42 -1.79
CA ASN A 165 8.05 -11.30 -2.47
C ASN A 165 7.17 -11.90 -1.38
N TYR A 166 5.86 -11.95 -1.64
CA TYR A 166 4.89 -12.48 -0.69
C TYR A 166 4.87 -13.99 -0.61
N GLN A 167 4.98 -14.64 -1.77
CA GLN A 167 4.93 -16.10 -1.83
C GLN A 167 6.06 -16.81 -1.08
N VAL A 168 7.29 -16.34 -1.24
CA VAL A 168 8.43 -16.97 -0.60
C VAL A 168 8.37 -16.95 0.92
N TRP A 169 8.01 -15.80 1.49
CA TRP A 169 7.90 -15.70 2.94
C TRP A 169 6.77 -16.57 3.48
N HIS A 170 5.69 -16.71 2.70
CA HIS A 170 4.59 -17.54 3.15
C HIS A 170 4.98 -19.01 3.13
N HIS A 171 5.72 -19.40 2.10
CA HIS A 171 6.18 -20.78 1.95
C HIS A 171 7.07 -21.12 3.14
N ARG A 172 7.90 -20.18 3.58
CA ARG A 172 8.77 -20.42 4.70
C ARG A 172 7.94 -20.59 5.95
N ARG A 173 6.94 -19.74 6.13
CA ARG A 173 6.07 -19.83 7.29
C ARG A 173 5.38 -21.19 7.33
N VAL A 174 4.89 -21.66 6.20
CA VAL A 174 4.24 -22.96 6.15
C VAL A 174 5.23 -24.07 6.58
N LEU A 175 6.49 -23.97 6.13
CA LEU A 175 7.51 -24.96 6.48
C LEU A 175 7.74 -24.95 7.99
N VAL A 176 7.95 -23.76 8.54
CA VAL A 176 8.17 -23.64 9.97
C VAL A 176 6.98 -24.17 10.78
N GLU A 177 5.75 -23.96 10.31
CA GLU A 177 4.56 -24.47 11.02
C GLU A 177 4.54 -26.01 10.96
N TRP A 178 4.83 -26.54 9.77
CA TRP A 178 4.86 -27.98 9.56
C TRP A 178 5.92 -28.63 10.47
N LEU A 179 7.07 -28.00 10.58
CA LEU A 179 8.14 -28.55 11.39
C LEU A 179 8.00 -28.15 12.84
N ARG A 180 7.19 -27.13 13.10
CA ARG A 180 7.01 -26.59 14.45
C ARG A 180 8.41 -26.32 15.02
N ASP A 181 9.35 -26.05 14.12
CA ASP A 181 10.75 -25.79 14.44
C ASP A 181 11.14 -24.36 14.04
N PRO A 182 11.29 -23.45 15.01
CA PRO A 182 11.64 -22.06 14.77
C PRO A 182 13.12 -21.75 15.00
N SER A 183 13.91 -22.74 15.37
CA SER A 183 15.32 -22.55 15.70
C SER A 183 16.17 -21.67 14.76
N GLN A 184 15.85 -21.65 13.48
CA GLN A 184 16.62 -20.87 12.50
C GLN A 184 16.10 -19.48 12.16
N GLU A 185 14.86 -19.21 12.51
CA GLU A 185 14.20 -17.95 12.18
C GLU A 185 14.83 -16.63 12.54
N LEU A 186 15.08 -16.39 13.82
CA LEU A 186 15.64 -15.09 14.22
C LEU A 186 16.98 -14.77 13.56
N GLU A 187 17.77 -15.81 13.30
CA GLU A 187 19.08 -15.60 12.67
C GLU A 187 18.90 -15.30 11.18
N PHE A 188 18.07 -16.10 10.52
CA PHE A 188 17.82 -15.91 9.10
C PHE A 188 17.22 -14.52 8.84
N ILE A 189 16.20 -14.17 9.61
CA ILE A 189 15.56 -12.87 9.46
C ILE A 189 16.58 -11.76 9.76
N ALA A 190 17.35 -11.91 10.82
CA ALA A 190 18.36 -10.92 11.16
C ALA A 190 19.31 -10.71 9.98
N ASP A 191 19.56 -11.75 9.19
CA ASP A 191 20.46 -11.60 8.05
C ASP A 191 19.78 -10.79 6.94
N ILE A 192 18.53 -11.14 6.66
CA ILE A 192 17.79 -10.44 5.63
C ILE A 192 17.68 -8.98 6.06
N LEU A 193 17.32 -8.76 7.32
CA LEU A 193 17.20 -7.40 7.84
C LEU A 193 18.55 -6.72 7.81
N ASN A 194 19.60 -7.52 7.72
CA ASN A 194 20.92 -6.94 7.67
C ASN A 194 21.18 -6.33 6.28
N GLN A 195 20.45 -6.80 5.29
CA GLN A 195 20.58 -6.30 3.93
C GLN A 195 19.55 -5.17 3.67
N ASP A 196 18.41 -5.23 4.36
CA ASP A 196 17.36 -4.22 4.25
C ASP A 196 16.72 -4.15 5.62
N ALA A 197 17.20 -3.25 6.47
CA ALA A 197 16.68 -3.10 7.82
C ALA A 197 15.18 -2.78 7.93
N LYS A 198 14.51 -2.62 6.79
CA LYS A 198 13.10 -2.27 6.81
C LYS A 198 12.20 -3.19 6.00
N ASN A 199 12.75 -4.30 5.53
CA ASN A 199 11.95 -5.24 4.73
C ASN A 199 10.68 -5.59 5.49
N TYR A 200 9.54 -5.16 4.97
CA TYR A 200 8.25 -5.39 5.59
C TYR A 200 7.97 -6.85 5.91
N HIS A 201 8.10 -7.70 4.90
CA HIS A 201 7.84 -9.15 5.05
C HIS A 201 8.73 -9.76 6.13
N ALA A 202 9.98 -9.32 6.18
CA ALA A 202 10.94 -9.81 7.16
C ALA A 202 10.42 -9.54 8.56
N TRP A 203 10.09 -8.27 8.82
CA TRP A 203 9.58 -7.88 10.12
C TRP A 203 8.27 -8.58 10.46
N GLN A 204 7.39 -8.72 9.47
CA GLN A 204 6.10 -9.38 9.69
C GLN A 204 6.31 -10.84 10.08
N HIS A 205 7.16 -11.54 9.33
CA HIS A 205 7.46 -12.95 9.60
C HIS A 205 8.09 -13.07 11.00
N ARG A 206 8.94 -12.10 11.33
CA ARG A 206 9.60 -12.07 12.62
C ARG A 206 8.60 -11.94 13.76
N GLN A 207 7.66 -10.99 13.66
CA GLN A 207 6.66 -10.82 14.70
C GLN A 207 5.87 -12.11 14.85
N TRP A 208 5.59 -12.76 13.73
CA TRP A 208 4.84 -14.02 13.75
C TRP A 208 5.57 -15.11 14.52
N VAL A 209 6.81 -15.39 14.15
CA VAL A 209 7.59 -16.44 14.81
C VAL A 209 7.77 -16.17 16.32
N ILE A 210 8.07 -14.92 16.69
CA ILE A 210 8.26 -14.56 18.08
C ILE A 210 6.97 -14.81 18.86
N GLN A 211 5.86 -14.37 18.29
CA GLN A 211 4.57 -14.54 18.91
C GLN A 211 4.16 -16.02 19.01
N GLU A 212 4.22 -16.71 17.87
CA GLU A 212 3.83 -18.12 17.81
C GLU A 212 4.67 -19.06 18.65
N PHE A 213 5.96 -18.79 18.74
CA PHE A 213 6.85 -19.64 19.51
C PHE A 213 7.39 -18.99 20.78
N LYS A 214 6.74 -17.93 21.24
CA LYS A 214 7.10 -17.23 22.48
C LYS A 214 8.58 -16.82 22.63
N LEU A 215 9.21 -16.45 21.52
CA LEU A 215 10.62 -16.06 21.52
C LEU A 215 10.81 -14.56 21.85
N TRP A 216 10.31 -14.13 23.01
CA TRP A 216 10.39 -12.74 23.41
C TRP A 216 11.69 -12.31 24.07
N ASP A 217 12.34 -13.26 24.72
CA ASP A 217 13.56 -13.02 25.49
C ASP A 217 14.66 -12.10 25.00
N ASN A 218 15.00 -12.14 23.73
CA ASN A 218 16.10 -11.30 23.24
C ASN A 218 15.72 -10.22 22.25
N GLU A 219 14.43 -10.08 21.96
CA GLU A 219 14.02 -9.10 20.98
C GLU A 219 14.25 -7.63 21.33
N LEU A 220 14.20 -7.26 22.60
CA LEU A 220 14.40 -5.86 22.96
C LEU A 220 15.87 -5.46 22.83
N GLN A 221 16.79 -6.41 22.96
CA GLN A 221 18.20 -6.11 22.81
C GLN A 221 18.44 -5.89 21.33
N TYR A 222 17.76 -6.70 20.52
CA TYR A 222 17.83 -6.64 19.07
C TYR A 222 17.34 -5.28 18.59
N VAL A 223 16.24 -4.82 19.18
CA VAL A 223 15.66 -3.53 18.86
C VAL A 223 16.69 -2.45 19.16
N ASP A 224 17.23 -2.47 20.38
CA ASP A 224 18.24 -1.51 20.80
C ASP A 224 19.47 -1.46 19.89
N GLN A 225 19.91 -2.63 19.44
CA GLN A 225 21.06 -2.66 18.56
C GLN A 225 20.73 -1.97 17.25
N LEU A 226 19.60 -2.33 16.65
CA LEU A 226 19.18 -1.73 15.38
C LEU A 226 18.85 -0.24 15.50
N LEU A 227 18.37 0.21 16.66
CA LEU A 227 18.10 1.64 16.84
C LEU A 227 19.42 2.38 16.95
N LYS A 228 20.44 1.66 17.40
CA LYS A 228 21.77 2.24 17.54
C LYS A 228 22.30 2.43 16.11
N GLU A 229 22.07 1.43 15.27
CA GLU A 229 22.51 1.48 13.88
C GLU A 229 21.75 2.56 13.09
N ASP A 230 20.44 2.68 13.31
CA ASP A 230 19.65 3.71 12.64
C ASP A 230 18.44 4.04 13.48
N VAL A 231 18.55 5.13 14.24
CA VAL A 231 17.48 5.58 15.12
C VAL A 231 16.27 6.09 14.34
N ARG A 232 16.42 6.21 13.03
CA ARG A 232 15.33 6.65 12.19
C ARG A 232 14.59 5.45 11.60
N ASN A 233 14.97 4.25 11.97
CA ASN A 233 14.33 3.07 11.42
C ASN A 233 12.98 2.85 12.09
N ASN A 234 11.94 3.29 11.40
CA ASN A 234 10.58 3.21 11.90
C ASN A 234 10.11 1.77 12.13
N SER A 235 10.64 0.84 11.35
CA SER A 235 10.26 -0.55 11.53
C SER A 235 10.76 -1.02 12.91
N VAL A 236 11.89 -0.47 13.37
CA VAL A 236 12.47 -0.85 14.66
C VAL A 236 11.68 -0.26 15.81
N TRP A 237 11.29 1.00 15.68
CA TRP A 237 10.47 1.62 16.72
C TRP A 237 9.16 0.85 16.81
N ASN A 238 8.70 0.32 15.69
CA ASN A 238 7.46 -0.44 15.68
C ASN A 238 7.66 -1.74 16.45
N GLN A 239 8.78 -2.40 16.19
CA GLN A 239 9.08 -3.65 16.87
C GLN A 239 9.19 -3.41 18.37
N ARG A 240 9.75 -2.26 18.73
CA ARG A 240 9.92 -1.90 20.13
C ARG A 240 8.55 -1.90 20.80
N TYR A 241 7.57 -1.27 20.16
CA TYR A 241 6.23 -1.22 20.72
C TYR A 241 5.66 -2.64 20.81
N PHE A 242 5.86 -3.40 19.74
CA PHE A 242 5.39 -4.77 19.67
C PHE A 242 5.93 -5.60 20.85
N VAL A 243 7.24 -5.55 21.06
CA VAL A 243 7.87 -6.31 22.13
C VAL A 243 7.35 -5.90 23.50
N ILE A 244 7.45 -4.62 23.82
CA ILE A 244 7.02 -4.11 25.10
C ILE A 244 5.54 -4.34 25.43
N SER A 245 4.65 -4.02 24.51
CA SER A 245 3.24 -4.22 24.79
C SER A 245 2.92 -5.70 25.01
N ASN A 246 3.68 -6.59 24.36
CA ASN A 246 3.46 -8.03 24.48
C ASN A 246 4.20 -8.72 25.62
N THR A 247 5.05 -7.97 26.31
CA THR A 247 5.78 -8.54 27.42
C THR A 247 5.33 -7.86 28.71
N THR A 248 5.99 -6.77 29.10
CA THR A 248 5.65 -6.05 30.33
C THR A 248 4.42 -5.15 30.23
N GLY A 249 4.11 -4.73 29.00
CA GLY A 249 3.02 -3.82 28.80
C GLY A 249 3.53 -2.43 29.16
N TYR A 250 2.70 -1.41 28.95
CA TYR A 250 3.07 -0.03 29.26
C TYR A 250 2.34 0.52 30.48
N ASN A 251 1.51 -0.31 31.10
CA ASN A 251 0.75 0.13 32.28
C ASN A 251 1.63 0.24 33.51
N ASP A 252 2.71 -0.55 33.53
CA ASP A 252 3.68 -0.53 34.61
C ASP A 252 4.41 0.81 34.47
N ARG A 253 4.10 1.74 35.37
CA ARG A 253 4.68 3.08 35.34
C ARG A 253 6.20 3.14 35.25
N ALA A 254 6.86 2.12 35.78
CA ALA A 254 8.32 2.08 35.71
C ALA A 254 8.74 1.82 34.25
N VAL A 255 8.01 0.94 33.55
CA VAL A 255 8.30 0.64 32.16
C VAL A 255 8.02 1.90 31.31
N LEU A 256 6.89 2.55 31.58
CA LEU A 256 6.50 3.76 30.85
C LEU A 256 7.54 4.88 30.99
N GLU A 257 7.98 5.15 32.21
CA GLU A 257 8.99 6.17 32.46
C GLU A 257 10.30 5.84 31.72
N ARG A 258 10.73 4.58 31.78
CA ARG A 258 11.94 4.17 31.11
C ARG A 258 11.80 4.47 29.62
N GLU A 259 10.65 4.12 29.06
CA GLU A 259 10.37 4.37 27.65
C GLU A 259 10.31 5.85 27.30
N VAL A 260 9.68 6.65 28.15
CA VAL A 260 9.58 8.08 27.90
C VAL A 260 10.95 8.74 27.97
N GLN A 261 11.80 8.29 28.89
CA GLN A 261 13.13 8.84 29.04
C GLN A 261 13.99 8.47 27.85
N TYR A 262 13.92 7.21 27.44
CA TYR A 262 14.67 6.74 26.31
C TYR A 262 14.30 7.56 25.06
N THR A 263 13.00 7.67 24.79
CA THR A 263 12.51 8.41 23.63
C THR A 263 12.95 9.89 23.68
N LEU A 264 12.81 10.53 24.84
CA LEU A 264 13.23 11.92 24.95
C LEU A 264 14.72 12.07 24.69
N GLU A 265 15.53 11.11 25.11
CA GLU A 265 16.97 11.16 24.87
C GLU A 265 17.21 11.12 23.36
N MET A 266 16.54 10.19 22.69
CA MET A 266 16.67 10.04 21.25
C MET A 266 16.27 11.32 20.52
N ILE A 267 15.21 11.96 20.99
CA ILE A 267 14.74 13.21 20.39
C ILE A 267 15.81 14.30 20.54
N LYS A 268 16.42 14.38 21.72
CA LYS A 268 17.45 15.38 21.96
C LYS A 268 18.68 15.15 21.09
N LEU A 269 18.99 13.90 20.78
CA LEU A 269 20.12 13.59 19.92
C LEU A 269 19.81 13.91 18.46
N VAL A 270 18.60 13.60 18.03
CA VAL A 270 18.18 13.84 16.65
C VAL A 270 16.75 14.43 16.71
N PRO A 271 16.64 15.74 17.02
CA PRO A 271 15.39 16.50 17.14
C PRO A 271 14.41 16.39 15.98
N HIS A 272 14.95 16.14 14.78
CA HIS A 272 14.12 16.05 13.59
C HIS A 272 13.78 14.62 13.15
N ASN A 273 14.07 13.64 14.00
CA ASN A 273 13.75 12.26 13.68
C ASN A 273 12.28 12.12 14.06
N GLU A 274 11.42 11.92 13.05
CA GLU A 274 9.98 11.81 13.29
C GLU A 274 9.58 10.55 14.05
N SER A 275 10.26 9.43 13.78
CA SER A 275 9.93 8.18 14.44
C SER A 275 9.87 8.28 15.95
N ALA A 276 10.88 8.88 16.56
CA ALA A 276 10.92 9.01 18.01
C ALA A 276 9.74 9.84 18.54
N TRP A 277 9.40 10.91 17.83
CA TRP A 277 8.27 11.75 18.22
C TRP A 277 6.96 10.96 18.14
N ASN A 278 6.81 10.17 17.07
CA ASN A 278 5.61 9.35 16.88
C ASN A 278 5.48 8.27 17.95
N TYR A 279 6.61 7.71 18.38
CA TYR A 279 6.64 6.68 19.42
C TYR A 279 6.26 7.32 20.75
N LEU A 280 6.76 8.53 20.99
CA LEU A 280 6.45 9.25 22.20
C LEU A 280 4.93 9.48 22.30
N LYS A 281 4.30 9.97 21.24
CA LYS A 281 2.86 10.18 21.29
C LYS A 281 2.15 8.83 21.36
N GLY A 282 2.67 7.87 20.60
CA GLY A 282 2.09 6.53 20.59
C GLY A 282 1.98 5.86 21.94
N ILE A 283 3.00 5.98 22.79
CA ILE A 283 2.97 5.34 24.12
C ILE A 283 2.22 6.14 25.17
N LEU A 284 1.77 7.35 24.82
CA LEU A 284 1.06 8.19 25.78
C LEU A 284 -0.36 8.55 25.42
N GLN A 285 -0.69 8.47 24.13
CA GLN A 285 -2.00 8.86 23.62
C GLN A 285 -3.22 8.15 24.19
N ASP A 286 -3.09 6.86 24.51
CA ASP A 286 -4.23 6.12 25.03
C ASP A 286 -4.73 6.64 26.38
N ARG A 287 -3.82 7.06 27.24
CA ARG A 287 -4.23 7.61 28.54
C ARG A 287 -4.65 9.05 28.42
N GLY A 288 -4.07 9.75 27.45
CA GLY A 288 -4.36 11.15 27.24
C GLY A 288 -3.10 11.93 27.48
N LEU A 289 -2.72 12.79 26.54
CA LEU A 289 -1.50 13.58 26.68
C LEU A 289 -1.57 14.58 27.84
N SER A 290 -2.76 15.05 28.18
CA SER A 290 -2.91 15.99 29.28
C SER A 290 -2.69 15.34 30.64
N LYS A 291 -2.64 14.01 30.69
CA LYS A 291 -2.45 13.28 31.94
C LYS A 291 -0.98 13.25 32.41
N TYR A 292 -0.08 13.83 31.62
CA TYR A 292 1.32 13.89 31.95
C TYR A 292 1.74 15.37 31.93
N PRO A 293 1.38 16.13 32.99
CA PRO A 293 1.67 17.56 33.14
C PRO A 293 3.15 18.02 33.06
N ASN A 294 4.06 17.12 33.40
CA ASN A 294 5.48 17.44 33.37
C ASN A 294 6.00 17.46 31.94
N LEU A 295 5.38 16.65 31.08
CA LEU A 295 5.77 16.55 29.68
C LEU A 295 5.64 17.87 28.93
N LEU A 296 4.59 18.63 29.23
CA LEU A 296 4.37 19.91 28.59
C LEU A 296 5.52 20.86 28.88
N ASN A 297 5.88 20.96 30.15
CA ASN A 297 6.95 21.84 30.57
C ASN A 297 8.27 21.44 29.98
N GLN A 298 8.54 20.15 29.96
CA GLN A 298 9.80 19.68 29.41
C GLN A 298 9.90 19.97 27.93
N LEU A 299 8.79 19.86 27.20
CA LEU A 299 8.79 20.13 25.78
C LEU A 299 8.96 21.62 25.54
N LEU A 300 8.29 22.43 26.37
CA LEU A 300 8.41 23.87 26.24
C LEU A 300 9.86 24.33 26.46
N ASP A 301 10.59 23.64 27.33
CA ASP A 301 12.00 23.98 27.58
C ASP A 301 12.82 23.75 26.31
N LEU A 302 12.51 22.68 25.60
CA LEU A 302 13.20 22.37 24.36
C LEU A 302 12.85 23.39 23.28
N GLN A 303 11.74 24.11 23.45
CA GLN A 303 11.25 25.08 22.49
C GLN A 303 12.23 25.89 21.64
N PRO A 304 13.04 26.77 22.27
CA PRO A 304 13.97 27.54 21.43
C PRO A 304 15.12 26.70 20.86
N SER A 305 15.82 26.00 21.75
CA SER A 305 16.97 25.18 21.40
C SER A 305 16.71 23.91 20.59
N HIS A 306 15.45 23.51 20.43
CA HIS A 306 15.13 22.29 19.69
C HIS A 306 13.80 22.34 18.93
N SER A 307 13.20 23.52 18.81
CA SER A 307 11.91 23.65 18.11
C SER A 307 11.93 22.95 16.76
N SER A 308 10.78 22.46 16.33
CA SER A 308 10.64 21.80 15.04
C SER A 308 9.16 21.59 14.86
N PRO A 309 8.70 21.38 13.61
CA PRO A 309 7.28 21.17 13.42
C PRO A 309 6.73 20.07 14.34
N TYR A 310 7.57 19.07 14.62
CA TYR A 310 7.18 17.95 15.49
C TYR A 310 6.89 18.38 16.91
N LEU A 311 7.75 19.22 17.48
CA LEU A 311 7.52 19.67 18.84
C LEU A 311 6.26 20.54 18.95
N ILE A 312 6.13 21.48 18.02
CA ILE A 312 5.00 22.40 17.96
C ILE A 312 3.70 21.59 17.78
N ALA A 313 3.76 20.58 16.92
CA ALA A 313 2.60 19.72 16.65
C ALA A 313 2.23 18.99 17.94
N PHE A 314 3.25 18.48 18.62
CA PHE A 314 3.05 17.76 19.87
C PHE A 314 2.40 18.69 20.89
N LEU A 315 2.82 19.94 20.92
CA LEU A 315 2.24 20.88 21.87
C LEU A 315 0.75 21.03 21.60
N VAL A 316 0.37 21.10 20.33
CA VAL A 316 -1.04 21.26 19.97
C VAL A 316 -1.81 20.04 20.43
N ASP A 317 -1.22 18.86 20.27
CA ASP A 317 -1.87 17.62 20.69
C ASP A 317 -2.14 17.68 22.20
N ILE A 318 -1.17 18.20 22.96
CA ILE A 318 -1.32 18.31 24.39
C ILE A 318 -2.47 19.27 24.72
N TYR A 319 -2.47 20.43 24.08
CA TYR A 319 -3.53 21.40 24.33
C TYR A 319 -4.88 20.80 23.97
N GLU A 320 -4.91 20.08 22.86
CA GLU A 320 -6.11 19.41 22.36
C GLU A 320 -6.71 18.58 23.49
N ASP A 321 -5.87 17.72 24.06
CA ASP A 321 -6.30 16.83 25.13
C ASP A 321 -6.65 17.57 26.40
N MET A 322 -5.89 18.63 26.71
CA MET A 322 -6.17 19.41 27.92
C MET A 322 -7.58 19.99 27.87
N LEU A 323 -7.90 20.64 26.75
CA LEU A 323 -9.21 21.24 26.53
C LEU A 323 -10.31 20.20 26.61
N GLU A 324 -10.00 19.02 26.07
CA GLU A 324 -10.92 17.90 26.05
C GLU A 324 -11.18 17.42 27.47
N ASN A 325 -10.25 17.68 28.38
CA ASN A 325 -10.37 17.24 29.77
C ASN A 325 -10.64 18.29 30.83
N GLN A 326 -11.55 19.23 30.53
CA GLN A 326 -11.92 20.27 31.49
C GLN A 326 -10.79 21.00 32.17
N CYS A 327 -9.72 21.29 31.43
CA CYS A 327 -8.58 21.98 32.01
C CYS A 327 -8.97 23.40 32.45
N ASP A 328 -8.13 23.97 33.31
CA ASP A 328 -8.33 25.33 33.77
C ASP A 328 -7.64 26.17 32.74
N ASN A 329 -8.06 27.43 32.63
CA ASN A 329 -7.48 28.35 31.66
C ASN A 329 -7.90 27.91 30.27
N LYS A 330 -9.11 27.37 30.12
CA LYS A 330 -9.58 26.92 28.81
C LYS A 330 -9.35 28.00 27.74
N GLU A 331 -9.66 29.26 28.06
CA GLU A 331 -9.47 30.35 27.10
C GLU A 331 -7.99 30.51 26.71
N ASP A 332 -7.12 30.48 27.71
CA ASP A 332 -5.68 30.62 27.52
C ASP A 332 -5.13 29.49 26.64
N ILE A 333 -5.47 28.25 27.01
CA ILE A 333 -5.04 27.07 26.29
C ILE A 333 -5.59 27.08 24.87
N LEU A 334 -6.83 27.49 24.70
CA LEU A 334 -7.44 27.54 23.38
C LEU A 334 -6.67 28.53 22.49
N ASN A 335 -6.37 29.68 23.08
CA ASN A 335 -5.65 30.74 22.38
C ASN A 335 -4.22 30.30 22.02
N LYS A 336 -3.53 29.61 22.93
CA LYS A 336 -2.18 29.11 22.68
C LYS A 336 -2.22 28.09 21.53
N ALA A 337 -3.20 27.19 21.60
CA ALA A 337 -3.38 26.14 20.61
C ALA A 337 -3.72 26.72 19.25
N LEU A 338 -4.58 27.73 19.21
CA LEU A 338 -4.94 28.34 17.94
C LEU A 338 -3.73 29.05 17.31
N GLU A 339 -2.91 29.70 18.14
CA GLU A 339 -1.73 30.38 17.62
C GLU A 339 -0.79 29.38 16.95
N LEU A 340 -0.58 28.25 17.61
CA LEU A 340 0.29 27.21 17.09
C LEU A 340 -0.22 26.63 15.77
N CYS A 341 -1.53 26.40 15.68
CA CYS A 341 -2.14 25.89 14.46
C CYS A 341 -1.86 26.84 13.31
N GLU A 342 -1.96 28.13 13.60
CA GLU A 342 -1.71 29.18 12.62
C GLU A 342 -0.24 29.18 12.19
N ILE A 343 0.67 29.02 13.15
CA ILE A 343 2.11 29.00 12.88
C ILE A 343 2.48 27.77 12.06
N LEU A 344 1.88 26.65 12.37
CA LEU A 344 2.16 25.43 11.65
C LEU A 344 1.61 25.53 10.23
N ALA A 345 0.42 26.09 10.10
CA ALA A 345 -0.21 26.23 8.79
C ALA A 345 0.46 27.22 7.85
N LYS A 346 0.86 28.35 8.41
CA LYS A 346 1.46 29.43 7.64
C LYS A 346 2.99 29.39 7.53
N GLU A 347 3.67 28.90 8.55
CA GLU A 347 5.12 28.92 8.52
C GLU A 347 5.86 27.59 8.70
N LYS A 348 5.68 26.96 9.86
CA LYS A 348 6.39 25.76 10.18
C LYS A 348 6.00 24.41 9.61
N ASP A 349 4.81 24.29 9.04
CA ASP A 349 4.40 23.00 8.51
C ASP A 349 3.31 23.20 7.45
N THR A 350 3.61 24.13 6.55
CA THR A 350 2.71 24.52 5.47
C THR A 350 2.21 23.40 4.59
N ILE A 351 2.96 22.30 4.49
CA ILE A 351 2.53 21.18 3.66
C ILE A 351 1.23 20.60 4.24
N ARG A 352 1.03 20.80 5.55
CA ARG A 352 -0.16 20.30 6.22
C ARG A 352 -1.10 21.45 6.57
N LYS A 353 -1.05 22.52 5.79
CA LYS A 353 -1.90 23.68 6.02
C LYS A 353 -3.38 23.32 6.21
N GLU A 354 -3.94 22.52 5.30
CA GLU A 354 -5.33 22.11 5.37
C GLU A 354 -5.65 21.38 6.66
N TYR A 355 -4.73 20.51 7.08
CA TYR A 355 -4.94 19.77 8.31
C TYR A 355 -4.89 20.71 9.52
N TRP A 356 -3.91 21.60 9.58
CA TRP A 356 -3.80 22.52 10.71
C TRP A 356 -4.97 23.49 10.83
N ARG A 357 -5.46 23.98 9.68
CA ARG A 357 -6.62 24.87 9.65
C ARG A 357 -7.80 24.10 10.18
N TYR A 358 -7.91 22.83 9.77
CA TYR A 358 -9.00 22.00 10.23
C TYR A 358 -8.97 21.85 11.76
N ILE A 359 -7.79 21.59 12.32
CA ILE A 359 -7.64 21.44 13.77
C ILE A 359 -8.08 22.74 14.46
N GLY A 360 -7.67 23.87 13.91
CA GLY A 360 -8.03 25.14 14.47
C GLY A 360 -9.53 25.28 14.49
N ARG A 361 -10.20 24.89 13.41
CA ARG A 361 -11.64 24.99 13.39
C ARG A 361 -12.27 24.01 14.39
N SER A 362 -11.73 22.79 14.53
CA SER A 362 -12.25 21.81 15.48
C SER A 362 -12.19 22.38 16.90
N LEU A 363 -11.02 22.87 17.28
CA LEU A 363 -10.81 23.43 18.59
C LEU A 363 -11.87 24.49 18.88
N GLN A 364 -12.21 25.29 17.89
CA GLN A 364 -13.21 26.33 18.07
C GLN A 364 -14.65 25.84 18.18
N SER A 365 -14.98 24.73 17.53
CA SER A 365 -16.35 24.24 17.60
C SER A 365 -16.58 23.44 18.87
N LYS A 366 -15.50 22.94 19.43
CA LYS A 366 -15.57 22.16 20.65
C LYS A 366 -15.38 22.96 21.93
N HIS A 367 -14.45 23.91 21.94
CA HIS A 367 -14.18 24.66 23.16
C HIS A 367 -14.27 26.17 23.00
N SER B 15 -3.29 39.66 -10.33
CA SER B 15 -2.92 38.26 -10.69
C SER B 15 -1.68 38.31 -11.61
N SER B 16 -1.35 37.17 -12.23
CA SER B 16 -0.20 37.05 -13.14
C SER B 16 -0.68 36.61 -14.53
N PRO B 17 0.19 36.76 -15.56
CA PRO B 17 -0.15 36.38 -16.94
C PRO B 17 -0.57 34.92 -17.01
N VAL B 18 -1.49 34.60 -17.93
CA VAL B 18 -1.99 33.24 -18.08
C VAL B 18 -0.94 32.22 -18.48
N TRP B 19 0.15 32.68 -19.07
CA TRP B 19 1.23 31.79 -19.51
C TRP B 19 2.31 31.60 -18.44
N SER B 20 1.97 31.93 -17.19
CA SER B 20 2.91 31.80 -16.08
C SER B 20 2.13 31.47 -14.81
N GLU B 21 2.45 30.34 -14.19
CA GLU B 21 1.74 29.94 -12.99
C GLU B 21 2.72 29.62 -11.87
N PRO B 22 2.67 30.41 -10.78
CA PRO B 22 3.54 30.22 -9.62
C PRO B 22 3.36 28.84 -8.99
N LEU B 23 4.48 28.20 -8.68
CA LEU B 23 4.44 26.87 -8.09
C LEU B 23 4.90 26.85 -6.63
N TYR B 24 4.18 26.09 -5.81
CA TYR B 24 4.49 25.92 -4.41
C TYR B 24 5.93 25.43 -4.19
N SER B 25 6.31 24.42 -4.96
CA SER B 25 7.64 23.83 -4.86
C SER B 25 8.73 24.79 -5.29
N LEU B 26 8.38 25.84 -6.02
CA LEU B 26 9.38 26.78 -6.50
C LEU B 26 9.49 28.06 -5.68
N ARG B 27 8.66 28.20 -4.66
CA ARG B 27 8.71 29.37 -3.79
C ARG B 27 10.08 29.38 -3.12
N PRO B 28 10.63 30.57 -2.86
CA PRO B 28 11.94 30.67 -2.21
C PRO B 28 11.96 30.02 -0.82
N GLU B 29 10.85 30.14 -0.09
CA GLU B 29 10.74 29.56 1.26
C GLU B 29 10.89 28.06 1.22
N HIS B 30 10.56 27.46 0.09
CA HIS B 30 10.61 26.02 -0.05
C HIS B 30 11.95 25.37 0.26
N ALA B 31 13.04 26.12 0.13
CA ALA B 31 14.36 25.57 0.42
C ALA B 31 14.47 25.15 1.88
N ARG B 32 13.73 25.85 2.74
CA ARG B 32 13.73 25.55 4.17
C ARG B 32 13.14 24.18 4.49
N GLU B 33 12.51 23.56 3.50
CA GLU B 33 11.89 22.25 3.69
C GLU B 33 12.81 21.07 3.44
N ARG B 34 14.10 21.34 3.20
CA ARG B 34 15.07 20.29 2.95
C ARG B 34 15.35 19.57 4.26
N LEU B 35 15.64 18.27 4.18
CA LEU B 35 15.93 17.46 5.35
C LEU B 35 16.93 18.13 6.31
N GLN B 36 16.72 17.93 7.61
CA GLN B 36 17.62 18.44 8.63
C GLN B 36 18.06 17.21 9.38
N ASP B 37 19.23 16.68 9.03
CA ASP B 37 19.71 15.49 9.70
C ASP B 37 20.31 15.68 11.08
N ASP B 38 20.30 16.90 11.58
CA ASP B 38 20.85 17.19 12.92
C ASP B 38 22.32 16.75 13.07
N SER B 39 23.02 16.68 11.94
CA SER B 39 24.41 16.26 11.92
C SER B 39 24.58 14.82 12.35
N VAL B 40 23.54 14.01 12.20
CA VAL B 40 23.62 12.62 12.60
C VAL B 40 23.17 11.85 11.38
N GLU B 41 24.12 11.25 10.66
CA GLU B 41 23.77 10.50 9.46
C GLU B 41 23.49 9.06 9.71
N THR B 42 22.46 8.55 9.05
CA THR B 42 22.11 7.15 9.13
C THR B 42 21.69 6.82 7.73
N VAL B 43 21.55 5.54 7.42
CA VAL B 43 21.15 5.16 6.07
C VAL B 43 19.86 5.90 5.68
N THR B 44 18.97 6.09 6.64
CA THR B 44 17.72 6.79 6.39
C THR B 44 17.89 8.24 5.92
N SER B 45 18.65 9.03 6.67
CA SER B 45 18.85 10.43 6.30
C SER B 45 19.60 10.52 4.99
N ILE B 46 20.57 9.62 4.81
CA ILE B 46 21.37 9.58 3.60
C ILE B 46 20.51 9.31 2.37
N GLU B 47 19.64 8.32 2.42
CA GLU B 47 18.80 8.03 1.27
C GLU B 47 17.84 9.17 0.97
N GLN B 48 17.28 9.74 2.02
CA GLN B 48 16.33 10.84 1.89
C GLN B 48 16.98 12.04 1.22
N ALA B 49 18.20 12.35 1.65
CA ALA B 49 18.97 13.46 1.11
C ALA B 49 19.28 13.30 -0.37
N LYS B 50 19.55 12.06 -0.79
CA LYS B 50 19.84 11.79 -2.19
C LYS B 50 18.60 12.07 -3.05
N VAL B 51 17.44 11.64 -2.58
CA VAL B 51 16.21 11.85 -3.30
C VAL B 51 15.92 13.34 -3.37
N GLU B 52 16.03 14.04 -2.24
CA GLU B 52 15.76 15.46 -2.24
C GLU B 52 16.67 16.22 -3.20
N GLU B 53 17.93 15.83 -3.20
CA GLU B 53 18.93 16.45 -4.06
C GLU B 53 18.46 16.37 -5.51
N LYS B 54 18.09 15.17 -5.95
CA LYS B 54 17.59 14.96 -7.31
C LYS B 54 16.31 15.77 -7.60
N ILE B 55 15.36 15.72 -6.67
CA ILE B 55 14.09 16.43 -6.81
C ILE B 55 14.31 17.92 -6.97
N GLN B 56 15.27 18.48 -6.21
CA GLN B 56 15.57 19.90 -6.29
C GLN B 56 15.96 20.28 -7.73
N GLU B 57 16.83 19.48 -8.34
CA GLU B 57 17.26 19.69 -9.73
C GLU B 57 16.07 19.72 -10.69
N VAL B 58 15.16 18.77 -10.51
CA VAL B 58 13.96 18.70 -11.33
C VAL B 58 13.11 19.96 -11.16
N PHE B 59 12.83 20.34 -9.91
CA PHE B 59 12.03 21.54 -9.62
C PHE B 59 12.66 22.72 -10.33
N SER B 60 13.97 22.87 -10.16
CA SER B 60 14.71 23.95 -10.79
C SER B 60 14.59 24.01 -12.32
N SER B 61 14.53 22.85 -12.97
CA SER B 61 14.42 22.85 -14.42
C SER B 61 13.11 23.43 -14.96
N TYR B 62 12.14 23.69 -14.08
CA TYR B 62 10.85 24.24 -14.53
C TYR B 62 10.72 25.73 -14.24
N LYS B 63 11.78 26.30 -13.69
CA LYS B 63 11.80 27.70 -13.29
C LYS B 63 12.80 28.48 -14.14
N PHE B 64 12.38 29.65 -14.62
CA PHE B 64 13.25 30.51 -15.44
C PHE B 64 13.13 31.90 -14.86
N ASN B 65 13.73 32.06 -13.68
CA ASN B 65 13.67 33.29 -12.92
C ASN B 65 12.21 33.55 -12.65
N HIS B 66 11.70 34.72 -13.02
CA HIS B 66 10.30 34.99 -12.77
C HIS B 66 9.35 34.31 -13.78
N LEU B 67 9.90 33.58 -14.74
CA LEU B 67 9.07 32.90 -15.74
C LEU B 67 8.86 31.44 -15.36
N VAL B 68 7.60 31.10 -15.06
CA VAL B 68 7.25 29.73 -14.67
C VAL B 68 6.10 29.21 -15.53
N PRO B 69 6.44 28.54 -16.63
CA PRO B 69 5.44 27.96 -17.55
C PRO B 69 4.53 26.94 -16.89
N ARG B 70 3.27 26.91 -17.32
CA ARG B 70 2.29 25.97 -16.79
C ARG B 70 2.71 24.52 -17.00
N LEU B 71 2.49 23.69 -15.99
CA LEU B 71 2.83 22.27 -16.05
C LEU B 71 1.89 21.57 -17.05
N VAL B 72 2.42 20.53 -17.72
CA VAL B 72 1.66 19.81 -18.72
C VAL B 72 1.67 18.28 -18.54
N LEU B 73 0.48 17.68 -18.49
CA LEU B 73 0.36 16.23 -18.38
C LEU B 73 0.47 15.67 -19.81
N GLN B 74 1.54 14.96 -20.12
CA GLN B 74 1.75 14.38 -21.45
C GLN B 74 0.74 13.31 -21.90
N ARG B 75 -0.55 13.66 -21.98
CA ARG B 75 -1.61 12.74 -22.36
C ARG B 75 -1.34 11.80 -23.52
N GLU B 76 -1.01 12.35 -24.70
CA GLU B 76 -0.75 11.53 -25.87
C GLU B 76 0.33 10.49 -25.67
N LYS B 77 1.44 10.91 -25.06
CA LYS B 77 2.54 10.01 -24.79
C LYS B 77 2.13 8.87 -23.87
N HIS B 78 1.28 9.17 -22.89
CA HIS B 78 0.80 8.15 -21.96
C HIS B 78 -0.16 7.23 -22.70
N PHE B 79 -1.10 7.83 -23.43
CA PHE B 79 -2.09 7.08 -24.20
C PHE B 79 -1.47 6.07 -25.15
N HIS B 80 -0.43 6.48 -25.87
CA HIS B 80 0.22 5.56 -26.80
C HIS B 80 0.89 4.42 -26.06
N TYR B 81 1.43 4.73 -24.89
CA TYR B 81 2.11 3.76 -24.03
C TYR B 81 1.12 2.74 -23.51
N LEU B 82 -0.04 3.23 -23.07
CA LEU B 82 -1.10 2.38 -22.54
C LEU B 82 -1.72 1.49 -23.63
N LYS B 83 -2.08 2.11 -24.75
CA LYS B 83 -2.67 1.42 -25.89
C LYS B 83 -1.76 0.27 -26.35
N ARG B 84 -0.46 0.54 -26.43
CA ARG B 84 0.52 -0.45 -26.83
C ARG B 84 0.58 -1.63 -25.82
N GLY B 85 0.56 -1.32 -24.53
CA GLY B 85 0.62 -2.35 -23.51
C GLY B 85 -0.61 -3.24 -23.33
N LEU B 86 -1.77 -2.73 -23.73
CA LEU B 86 -3.03 -3.47 -23.60
C LEU B 86 -3.11 -4.64 -24.58
N ARG B 87 -2.20 -4.70 -25.54
CA ARG B 87 -2.26 -5.77 -26.50
C ARG B 87 -1.13 -6.74 -26.36
N GLN B 88 0.09 -6.21 -26.22
CA GLN B 88 1.24 -7.08 -26.15
C GLN B 88 2.28 -6.49 -25.21
N LEU B 89 3.20 -7.34 -24.74
CA LEU B 89 4.25 -6.90 -23.82
C LEU B 89 5.51 -7.70 -24.06
N THR B 90 6.66 -7.15 -23.66
CA THR B 90 7.94 -7.84 -23.81
C THR B 90 8.09 -8.88 -22.73
N ASP B 91 9.05 -9.78 -22.90
CA ASP B 91 9.29 -10.80 -21.91
C ASP B 91 9.84 -10.18 -20.61
N ALA B 92 10.04 -8.87 -20.60
CA ALA B 92 10.50 -8.19 -19.39
C ALA B 92 9.31 -8.25 -18.42
N TYR B 93 8.15 -8.49 -19.02
CA TYR B 93 6.90 -8.61 -18.30
C TYR B 93 6.59 -10.05 -17.89
N GLU B 94 7.60 -10.91 -17.91
CA GLU B 94 7.39 -12.29 -17.52
C GLU B 94 7.12 -12.39 -16.03
N CYS B 95 7.67 -11.45 -15.27
CA CYS B 95 7.50 -11.41 -13.83
C CYS B 95 6.05 -11.09 -13.43
N LEU B 96 5.25 -10.63 -14.38
CA LEU B 96 3.85 -10.31 -14.11
C LEU B 96 2.90 -11.32 -14.75
N ASP B 97 3.42 -12.54 -14.98
CA ASP B 97 2.65 -13.64 -15.58
C ASP B 97 1.50 -14.14 -14.68
N ALA B 98 1.58 -13.87 -13.38
CA ALA B 98 0.55 -14.26 -12.44
C ALA B 98 -0.26 -13.01 -12.03
N SER B 99 -0.15 -11.94 -12.81
CA SER B 99 -0.83 -10.67 -12.52
C SER B 99 -1.51 -10.07 -13.74
N ARG B 100 -1.85 -10.87 -14.73
CA ARG B 100 -2.46 -10.33 -15.94
C ARG B 100 -3.75 -9.52 -15.79
N PRO B 101 -4.66 -9.92 -14.89
CA PRO B 101 -5.87 -9.10 -14.76
C PRO B 101 -5.49 -7.72 -14.21
N TRP B 102 -4.34 -7.62 -13.54
CA TRP B 102 -3.88 -6.35 -13.01
C TRP B 102 -3.46 -5.45 -14.17
N LEU B 103 -2.81 -6.05 -15.17
CA LEU B 103 -2.37 -5.30 -16.35
C LEU B 103 -3.61 -4.74 -17.03
N CYS B 104 -4.66 -5.55 -17.10
CA CYS B 104 -5.88 -5.09 -17.70
C CYS B 104 -6.45 -3.93 -16.90
N TYR B 105 -6.52 -4.06 -15.57
CA TYR B 105 -7.07 -3.01 -14.74
C TYR B 105 -6.23 -1.73 -14.76
N TRP B 106 -4.92 -1.85 -14.57
CA TRP B 106 -4.04 -0.68 -14.58
C TRP B 106 -4.23 0.14 -15.88
N ILE B 107 -4.14 -0.55 -17.01
CA ILE B 107 -4.29 0.07 -18.33
C ILE B 107 -5.69 0.64 -18.61
N LEU B 108 -6.73 -0.13 -18.37
CA LEU B 108 -8.09 0.37 -18.60
C LEU B 108 -8.45 1.55 -17.69
N HIS B 109 -8.07 1.48 -16.43
CA HIS B 109 -8.37 2.57 -15.50
C HIS B 109 -7.60 3.81 -15.90
N SER B 110 -6.37 3.64 -16.37
CA SER B 110 -5.56 4.77 -16.80
C SER B 110 -6.20 5.43 -18.01
N LEU B 111 -6.60 4.63 -19.00
CA LEU B 111 -7.25 5.18 -20.19
C LEU B 111 -8.54 5.87 -19.75
N GLU B 112 -9.24 5.26 -18.81
CA GLU B 112 -10.46 5.83 -18.26
C GLU B 112 -10.24 7.21 -17.61
N LEU B 113 -9.17 7.36 -16.84
CA LEU B 113 -8.86 8.64 -16.18
C LEU B 113 -8.51 9.72 -17.21
N LEU B 114 -7.85 9.28 -18.28
CA LEU B 114 -7.43 10.14 -19.39
C LEU B 114 -8.56 10.40 -20.38
N ASP B 115 -9.72 9.79 -20.14
CA ASP B 115 -10.91 9.94 -21.00
C ASP B 115 -10.68 9.44 -22.44
N GLU B 116 -9.80 8.46 -22.60
CA GLU B 116 -9.53 7.86 -23.91
C GLU B 116 -10.50 6.69 -23.94
N PRO B 117 -11.30 6.58 -25.00
CA PRO B 117 -12.26 5.46 -25.06
C PRO B 117 -11.65 4.08 -25.37
N ILE B 118 -12.39 3.04 -25.01
CA ILE B 118 -11.95 1.67 -25.25
C ILE B 118 -12.70 1.17 -26.49
N PRO B 119 -11.97 0.86 -27.57
CA PRO B 119 -12.63 0.36 -28.79
C PRO B 119 -13.38 -0.94 -28.41
N GLN B 120 -14.64 -1.09 -28.82
CA GLN B 120 -15.44 -2.27 -28.49
C GLN B 120 -14.84 -3.64 -28.82
N ILE B 121 -13.91 -3.67 -29.78
CA ILE B 121 -13.22 -4.89 -30.16
C ILE B 121 -12.27 -5.26 -29.03
N VAL B 122 -11.57 -4.24 -28.52
CA VAL B 122 -10.63 -4.42 -27.41
C VAL B 122 -11.41 -4.74 -26.12
N ALA B 123 -12.53 -4.05 -25.91
CA ALA B 123 -13.37 -4.27 -24.75
C ALA B 123 -13.76 -5.72 -24.67
N THR B 124 -14.29 -6.25 -25.78
CA THR B 124 -14.72 -7.64 -25.84
C THR B 124 -13.56 -8.59 -25.66
N ASP B 125 -12.44 -8.32 -26.33
CA ASP B 125 -11.26 -9.16 -26.21
C ASP B 125 -10.81 -9.25 -24.76
N VAL B 126 -10.79 -8.12 -24.07
CA VAL B 126 -10.42 -8.07 -22.66
C VAL B 126 -11.43 -8.92 -21.87
N CYS B 127 -12.71 -8.74 -22.15
CA CYS B 127 -13.75 -9.53 -21.46
C CYS B 127 -13.46 -11.02 -21.59
N GLN B 128 -13.24 -11.45 -22.83
CA GLN B 128 -12.99 -12.85 -23.13
C GLN B 128 -11.78 -13.36 -22.36
N PHE B 129 -10.73 -12.55 -22.32
CA PHE B 129 -9.53 -12.93 -21.60
C PHE B 129 -9.82 -13.17 -20.12
N LEU B 130 -10.51 -12.22 -19.48
CA LEU B 130 -10.83 -12.37 -18.06
C LEU B 130 -11.73 -13.59 -17.82
N GLU B 131 -12.52 -13.98 -18.82
CA GLU B 131 -13.36 -15.15 -18.68
C GLU B 131 -12.44 -16.37 -18.58
N LEU B 132 -11.37 -16.35 -19.38
CA LEU B 132 -10.39 -17.43 -19.37
C LEU B 132 -9.61 -17.48 -18.07
N CYS B 133 -9.54 -16.36 -17.35
CA CYS B 133 -8.82 -16.32 -16.09
C CYS B 133 -9.74 -16.74 -14.95
N GLN B 134 -11.04 -16.72 -15.18
CA GLN B 134 -11.96 -17.07 -14.13
C GLN B 134 -11.97 -18.56 -13.82
N SER B 135 -11.75 -18.90 -12.57
CA SER B 135 -11.72 -20.28 -12.14
C SER B 135 -13.12 -20.88 -12.04
N PRO B 136 -13.25 -22.20 -12.25
CA PRO B 136 -14.55 -22.85 -12.16
C PRO B 136 -15.04 -22.88 -10.72
N GLU B 137 -14.11 -22.67 -9.77
CA GLU B 137 -14.45 -22.66 -8.34
C GLU B 137 -14.82 -21.25 -7.85
N GLY B 138 -14.72 -20.26 -8.72
CA GLY B 138 -15.02 -18.90 -8.34
C GLY B 138 -13.73 -18.10 -8.25
N GLY B 139 -13.82 -16.79 -8.44
CA GLY B 139 -12.65 -15.96 -8.39
C GLY B 139 -11.88 -15.97 -9.70
N PHE B 140 -10.86 -15.13 -9.79
CA PHE B 140 -10.04 -15.01 -10.99
C PHE B 140 -8.58 -15.30 -10.66
N GLY B 141 -7.93 -16.06 -11.53
CA GLY B 141 -6.53 -16.37 -11.34
C GLY B 141 -5.70 -15.31 -12.02
N GLY B 142 -4.38 -15.37 -11.84
CA GLY B 142 -3.49 -14.39 -12.44
C GLY B 142 -3.26 -14.57 -13.92
N GLY B 143 -3.86 -15.62 -14.49
CA GLY B 143 -3.72 -15.93 -15.89
C GLY B 143 -4.53 -17.19 -16.13
N PRO B 144 -4.84 -17.56 -17.38
CA PRO B 144 -5.62 -18.76 -17.68
C PRO B 144 -5.04 -20.02 -17.04
N GLY B 145 -5.86 -20.68 -16.22
CA GLY B 145 -5.44 -21.90 -15.56
C GLY B 145 -4.78 -21.74 -14.20
N GLN B 146 -4.55 -20.51 -13.79
CA GLN B 146 -3.94 -20.27 -12.48
C GLN B 146 -5.03 -20.28 -11.42
N TYR B 147 -4.68 -20.61 -10.18
CA TYR B 147 -5.66 -20.65 -9.09
C TYR B 147 -6.21 -19.24 -8.82
N PRO B 148 -7.45 -19.15 -8.29
CA PRO B 148 -8.04 -17.84 -7.99
C PRO B 148 -7.20 -17.21 -6.87
N HIS B 149 -7.13 -15.89 -6.85
CA HIS B 149 -6.36 -15.16 -5.86
C HIS B 149 -7.13 -13.83 -5.74
N LEU B 150 -7.42 -13.40 -4.52
CA LEU B 150 -8.18 -12.18 -4.28
C LEU B 150 -7.68 -10.94 -5.01
N ALA B 151 -6.38 -10.77 -5.14
CA ALA B 151 -5.88 -9.60 -5.83
C ALA B 151 -6.27 -9.60 -7.32
N PRO B 152 -5.91 -10.65 -8.09
CA PRO B 152 -6.37 -10.53 -9.48
C PRO B 152 -7.89 -10.57 -9.64
N THR B 153 -8.60 -11.12 -8.64
CA THR B 153 -10.06 -11.19 -8.65
C THR B 153 -10.60 -9.74 -8.54
N TYR B 154 -9.98 -8.98 -7.66
CA TYR B 154 -10.32 -7.57 -7.44
C TYR B 154 -10.06 -6.80 -8.74
N ALA B 155 -8.89 -7.03 -9.34
CA ALA B 155 -8.46 -6.38 -10.57
C ALA B 155 -9.40 -6.69 -11.72
N ALA B 156 -9.75 -7.96 -11.85
CA ALA B 156 -10.63 -8.37 -12.92
C ALA B 156 -12.02 -7.79 -12.78
N VAL B 157 -12.57 -7.79 -11.58
CA VAL B 157 -13.90 -7.24 -11.38
C VAL B 157 -13.89 -5.75 -11.68
N ASN B 158 -12.84 -5.05 -11.28
CA ASN B 158 -12.75 -3.62 -11.55
C ASN B 158 -12.63 -3.35 -13.05
N ALA B 159 -11.81 -4.13 -13.75
CA ALA B 159 -11.66 -3.98 -15.20
C ALA B 159 -13.02 -4.17 -15.89
N LEU B 160 -13.73 -5.21 -15.50
CA LEU B 160 -15.05 -5.52 -16.06
C LEU B 160 -16.00 -4.37 -15.83
N CYS B 161 -15.91 -3.75 -14.65
CA CYS B 161 -16.76 -2.62 -14.30
C CYS B 161 -16.37 -1.35 -15.08
N ILE B 162 -15.07 -1.15 -15.29
CA ILE B 162 -14.61 -0.01 -16.07
C ILE B 162 -15.20 -0.17 -17.48
N ILE B 163 -15.25 -1.40 -18.00
CA ILE B 163 -15.83 -1.68 -19.32
C ILE B 163 -17.34 -1.38 -19.34
N GLY B 164 -18.03 -1.66 -18.23
CA GLY B 164 -19.44 -1.34 -18.12
C GLY B 164 -20.51 -1.98 -18.99
N THR B 165 -20.13 -2.81 -19.95
CA THR B 165 -21.12 -3.46 -20.81
C THR B 165 -21.70 -4.67 -20.09
N GLU B 166 -22.93 -5.06 -20.42
CA GLU B 166 -23.52 -6.24 -19.79
C GLU B 166 -22.72 -7.49 -20.11
N GLU B 167 -22.07 -7.47 -21.28
CA GLU B 167 -21.21 -8.59 -21.69
C GLU B 167 -20.14 -8.73 -20.61
N ALA B 168 -19.59 -7.60 -20.16
CA ALA B 168 -18.57 -7.59 -19.13
C ALA B 168 -19.16 -8.01 -17.79
N TYR B 169 -20.23 -7.35 -17.37
CA TYR B 169 -20.87 -7.65 -16.09
C TYR B 169 -21.17 -9.12 -15.93
N ASP B 170 -21.66 -9.73 -17.00
CA ASP B 170 -22.05 -11.12 -16.99
C ASP B 170 -20.97 -12.17 -16.96
N ILE B 171 -19.73 -11.80 -17.27
CA ILE B 171 -18.67 -12.78 -17.22
C ILE B 171 -18.49 -13.26 -15.79
N ILE B 172 -18.79 -12.39 -14.82
CA ILE B 172 -18.63 -12.75 -13.42
C ILE B 172 -19.61 -13.81 -12.95
N ASN B 173 -19.07 -14.97 -12.57
CA ASN B 173 -19.88 -16.06 -12.06
C ASN B 173 -20.03 -15.75 -10.55
N ARG B 174 -21.13 -15.09 -10.21
CA ARG B 174 -21.42 -14.68 -8.85
C ARG B 174 -21.67 -15.74 -7.79
N GLU B 175 -22.33 -16.84 -8.17
CA GLU B 175 -22.61 -17.92 -7.22
C GLU B 175 -21.30 -18.52 -6.71
N LYS B 176 -20.38 -18.76 -7.64
CA LYS B 176 -19.07 -19.32 -7.31
C LYS B 176 -18.19 -18.27 -6.64
N LEU B 177 -18.34 -17.01 -7.02
CA LEU B 177 -17.56 -15.95 -6.42
C LEU B 177 -17.87 -15.89 -4.92
N LEU B 178 -19.13 -16.00 -4.56
CA LEU B 178 -19.48 -15.96 -3.15
C LEU B 178 -18.93 -17.18 -2.44
N GLN B 179 -19.12 -18.36 -3.01
CA GLN B 179 -18.60 -19.60 -2.42
C GLN B 179 -17.10 -19.50 -2.20
N TYR B 180 -16.41 -18.94 -3.20
CA TYR B 180 -14.98 -18.75 -3.14
C TYR B 180 -14.57 -17.86 -1.97
N LEU B 181 -15.23 -16.71 -1.83
CA LEU B 181 -14.91 -15.83 -0.72
C LEU B 181 -15.06 -16.62 0.59
N TYR B 182 -16.15 -17.38 0.71
CA TYR B 182 -16.43 -18.19 1.90
C TYR B 182 -15.27 -19.13 2.18
N SER B 183 -14.75 -19.74 1.11
CA SER B 183 -13.66 -20.69 1.21
C SER B 183 -12.36 -20.07 1.71
N LEU B 184 -12.30 -18.74 1.71
CA LEU B 184 -11.10 -18.06 2.17
C LEU B 184 -11.31 -17.37 3.52
N LYS B 185 -12.54 -17.36 4.01
CA LYS B 185 -12.87 -16.72 5.27
C LYS B 185 -12.34 -17.48 6.46
N GLN B 186 -11.62 -16.76 7.32
CA GLN B 186 -11.05 -17.29 8.55
C GLN B 186 -11.98 -16.97 9.71
N PRO B 187 -11.93 -17.76 10.79
CA PRO B 187 -12.77 -17.56 11.97
C PRO B 187 -12.56 -16.20 12.67
N ASP B 188 -11.33 -15.68 12.61
CA ASP B 188 -11.03 -14.40 13.25
C ASP B 188 -11.45 -13.15 12.48
N GLY B 189 -12.13 -13.33 11.36
CA GLY B 189 -12.56 -12.19 10.56
C GLY B 189 -11.72 -11.88 9.32
N SER B 190 -10.53 -12.46 9.23
CA SER B 190 -9.65 -12.22 8.08
C SER B 190 -9.94 -13.18 6.92
N PHE B 191 -9.24 -12.98 5.82
CA PHE B 191 -9.38 -13.81 4.63
C PHE B 191 -7.98 -14.18 4.15
N LEU B 192 -7.86 -15.34 3.53
CA LEU B 192 -6.60 -15.78 2.94
C LEU B 192 -6.59 -15.08 1.58
N MET B 193 -5.40 -14.78 1.03
CA MET B 193 -5.34 -14.16 -0.30
C MET B 193 -5.73 -15.20 -1.35
N HIS B 194 -5.53 -16.47 -1.02
CA HIS B 194 -5.88 -17.59 -1.88
C HIS B 194 -5.76 -18.84 -1.04
N VAL B 195 -6.28 -19.94 -1.56
CA VAL B 195 -6.23 -21.21 -0.87
C VAL B 195 -4.77 -21.58 -0.54
N GLY B 196 -4.50 -21.78 0.74
CA GLY B 196 -3.16 -22.10 1.17
C GLY B 196 -2.26 -20.88 1.02
N GLY B 197 -2.85 -19.69 1.04
CA GLY B 197 -2.08 -18.48 0.90
C GLY B 197 -1.98 -17.64 2.14
N GLU B 198 -1.21 -16.57 2.06
CA GLU B 198 -0.99 -15.64 3.16
C GLU B 198 -2.24 -14.83 3.53
N VAL B 199 -2.22 -14.27 4.74
CA VAL B 199 -3.31 -13.45 5.25
C VAL B 199 -2.76 -12.08 5.66
N ASP B 200 -3.41 -11.03 5.18
CA ASP B 200 -3.10 -9.65 5.54
C ASP B 200 -4.30 -8.79 5.12
N VAL B 201 -4.34 -7.53 5.54
CA VAL B 201 -5.47 -6.69 5.23
C VAL B 201 -5.87 -6.48 3.73
N ARG B 202 -4.96 -6.76 2.80
CA ARG B 202 -5.29 -6.63 1.37
C ARG B 202 -6.50 -7.50 1.05
N SER B 203 -6.56 -8.72 1.59
CA SER B 203 -7.65 -9.65 1.32
C SER B 203 -9.01 -9.11 1.74
N ALA B 204 -9.05 -8.44 2.89
CA ALA B 204 -10.30 -7.89 3.39
C ALA B 204 -10.84 -6.88 2.37
N TYR B 205 -9.96 -6.01 1.90
CA TYR B 205 -10.36 -5.02 0.92
C TYR B 205 -10.79 -5.66 -0.39
N CYS B 206 -10.02 -6.62 -0.89
CA CYS B 206 -10.35 -7.30 -2.14
C CYS B 206 -11.71 -7.98 -2.06
N ALA B 207 -11.97 -8.66 -0.94
CA ALA B 207 -13.24 -9.35 -0.75
C ALA B 207 -14.40 -8.35 -0.68
N ALA B 208 -14.25 -7.33 0.17
CA ALA B 208 -15.27 -6.30 0.34
C ALA B 208 -15.55 -5.55 -0.96
N SER B 209 -14.53 -5.29 -1.76
CA SER B 209 -14.70 -4.59 -3.03
C SER B 209 -15.55 -5.39 -4.00
N VAL B 210 -15.10 -6.58 -4.37
CA VAL B 210 -15.84 -7.41 -5.32
C VAL B 210 -17.23 -7.79 -4.81
N ALA B 211 -17.34 -8.11 -3.52
CA ALA B 211 -18.61 -8.51 -2.94
C ALA B 211 -19.69 -7.42 -3.02
N SER B 212 -19.34 -6.20 -2.65
CA SER B 212 -20.30 -5.10 -2.70
C SER B 212 -20.63 -4.73 -4.14
N LEU B 213 -19.63 -4.59 -5.00
CA LEU B 213 -19.89 -4.25 -6.40
C LEU B 213 -20.80 -5.25 -7.10
N THR B 214 -20.57 -6.54 -6.91
CA THR B 214 -21.37 -7.58 -7.56
C THR B 214 -22.58 -8.03 -6.76
N ASN B 215 -22.86 -7.36 -5.65
CA ASN B 215 -24.01 -7.69 -4.82
C ASN B 215 -24.06 -9.14 -4.31
N ILE B 216 -23.00 -9.58 -3.64
CA ILE B 216 -22.98 -10.94 -3.12
C ILE B 216 -22.70 -11.01 -1.61
N ILE B 217 -22.88 -9.88 -0.92
CA ILE B 217 -22.62 -9.82 0.53
C ILE B 217 -23.73 -10.47 1.37
N THR B 218 -23.37 -11.42 2.23
CA THR B 218 -24.32 -12.08 3.09
C THR B 218 -24.06 -11.55 4.50
N PRO B 219 -24.99 -11.76 5.45
CA PRO B 219 -24.79 -11.27 6.82
C PRO B 219 -23.53 -11.81 7.46
N ASP B 220 -23.25 -13.09 7.26
CA ASP B 220 -22.09 -13.73 7.87
C ASP B 220 -20.77 -13.57 7.12
N LEU B 221 -20.83 -13.30 5.81
CA LEU B 221 -19.60 -13.18 5.01
C LEU B 221 -18.48 -12.36 5.67
N PHE B 222 -18.82 -11.18 6.17
CA PHE B 222 -17.82 -10.31 6.78
C PHE B 222 -17.92 -10.24 8.30
N GLU B 223 -18.48 -11.28 8.90
CA GLU B 223 -18.60 -11.30 10.35
C GLU B 223 -17.19 -11.30 10.95
N GLY B 224 -16.93 -10.38 11.88
CA GLY B 224 -15.63 -10.29 12.51
C GLY B 224 -14.54 -9.55 11.74
N THR B 225 -14.78 -9.27 10.47
CA THR B 225 -13.78 -8.57 9.63
C THR B 225 -13.43 -7.17 10.11
N ALA B 226 -14.44 -6.34 10.38
CA ALA B 226 -14.24 -4.97 10.85
C ALA B 226 -13.34 -4.93 12.09
N GLU B 227 -13.61 -5.83 13.03
CA GLU B 227 -12.84 -5.91 14.27
C GLU B 227 -11.42 -6.35 14.00
N TRP B 228 -11.25 -7.27 13.07
CA TRP B 228 -9.91 -7.73 12.72
C TRP B 228 -9.13 -6.56 12.12
N ILE B 229 -9.76 -5.83 11.21
CA ILE B 229 -9.13 -4.69 10.57
C ILE B 229 -8.74 -3.65 11.60
N ALA B 230 -9.63 -3.36 12.54
CA ALA B 230 -9.32 -2.37 13.58
C ALA B 230 -8.07 -2.78 14.35
N ARG B 231 -7.91 -4.08 14.59
CA ARG B 231 -6.73 -4.61 15.31
C ARG B 231 -5.46 -4.33 14.54
N CYS B 232 -5.60 -4.08 13.23
CA CYS B 232 -4.45 -3.78 12.39
C CYS B 232 -4.03 -2.32 12.54
N GLN B 233 -4.92 -1.45 13.04
CA GLN B 233 -4.54 -0.05 13.24
C GLN B 233 -3.55 -0.08 14.39
N ASN B 234 -2.38 0.52 14.22
CA ASN B 234 -1.37 0.47 15.27
C ASN B 234 -1.14 1.78 16.00
N TRP B 235 -0.10 1.82 16.84
CA TRP B 235 0.26 3.00 17.63
C TRP B 235 0.53 4.25 16.80
N GLU B 236 0.95 4.07 15.56
CA GLU B 236 1.23 5.19 14.67
C GLU B 236 -0.06 5.90 14.20
N GLY B 237 -1.14 5.13 14.08
CA GLY B 237 -2.39 5.68 13.62
C GLY B 237 -2.77 5.03 12.31
N GLY B 238 -1.77 4.63 11.54
CA GLY B 238 -2.02 3.98 10.27
C GLY B 238 -2.42 2.54 10.54
N ILE B 239 -2.49 1.73 9.49
CA ILE B 239 -2.89 0.32 9.59
C ILE B 239 -1.76 -0.52 8.99
N GLY B 240 -1.41 -1.60 9.68
CA GLY B 240 -0.36 -2.48 9.19
C GLY B 240 -0.98 -3.66 8.47
N GLY B 241 -0.14 -4.52 7.89
CA GLY B 241 -0.64 -5.69 7.17
C GLY B 241 -1.43 -6.71 7.98
N VAL B 242 -1.02 -6.89 9.23
CA VAL B 242 -1.63 -7.80 10.19
C VAL B 242 -1.39 -7.10 11.53
N PRO B 243 -2.18 -7.43 12.58
CA PRO B 243 -2.03 -6.81 13.91
C PRO B 243 -0.59 -6.83 14.41
N GLY B 244 -0.11 -5.68 14.89
CA GLY B 244 1.25 -5.59 15.39
C GLY B 244 2.24 -5.01 14.39
N MET B 245 1.95 -5.17 13.11
CA MET B 245 2.84 -4.66 12.06
C MET B 245 2.77 -3.16 11.79
N GLU B 246 3.88 -2.64 11.26
CA GLU B 246 4.08 -1.21 10.93
C GLU B 246 3.01 -0.62 10.01
N ALA B 247 2.61 0.62 10.31
CA ALA B 247 1.60 1.34 9.53
C ALA B 247 2.12 1.63 8.12
N HIS B 248 1.36 1.21 7.12
CA HIS B 248 1.76 1.41 5.73
C HIS B 248 0.58 1.84 4.87
N GLY B 249 0.81 2.87 4.05
CA GLY B 249 -0.22 3.40 3.19
C GLY B 249 -1.01 2.37 2.39
N GLY B 250 -0.33 1.37 1.86
CA GLY B 250 -1.00 0.35 1.09
C GLY B 250 -2.02 -0.42 1.92
N TYR B 251 -1.64 -0.74 3.14
CA TYR B 251 -2.52 -1.47 4.04
C TYR B 251 -3.56 -0.56 4.66
N THR B 252 -3.19 0.69 4.91
CA THR B 252 -4.14 1.66 5.46
C THR B 252 -5.26 1.95 4.46
N PHE B 253 -4.91 2.10 3.18
CA PHE B 253 -5.93 2.31 2.19
C PHE B 253 -6.86 1.10 2.20
N CYS B 254 -6.29 -0.09 2.09
CA CYS B 254 -7.09 -1.31 2.10
C CYS B 254 -8.00 -1.42 3.32
N GLY B 255 -7.46 -1.10 4.50
CA GLY B 255 -8.23 -1.18 5.73
C GLY B 255 -9.38 -0.19 5.78
N LEU B 256 -9.10 1.10 5.58
CA LEU B 256 -10.14 2.11 5.64
C LEU B 256 -11.20 1.90 4.55
N ALA B 257 -10.77 1.67 3.32
CA ALA B 257 -11.72 1.48 2.23
C ALA B 257 -12.63 0.29 2.51
N ALA B 258 -12.05 -0.78 3.05
CA ALA B 258 -12.84 -1.96 3.36
C ALA B 258 -13.89 -1.58 4.41
N LEU B 259 -13.45 -0.93 5.48
CA LEU B 259 -14.37 -0.53 6.55
C LEU B 259 -15.48 0.39 6.03
N VAL B 260 -15.15 1.24 5.07
CA VAL B 260 -16.14 2.15 4.50
C VAL B 260 -17.19 1.31 3.77
N ILE B 261 -16.75 0.29 3.03
CA ILE B 261 -17.68 -0.59 2.30
C ILE B 261 -18.59 -1.28 3.32
N LEU B 262 -18.00 -1.73 4.42
CA LEU B 262 -18.75 -2.41 5.47
C LEU B 262 -19.51 -1.43 6.38
N LYS B 263 -19.34 -0.13 6.14
CA LYS B 263 -19.98 0.90 6.96
C LYS B 263 -19.59 0.70 8.43
N ARG B 264 -18.29 0.56 8.68
CA ARG B 264 -17.77 0.35 10.03
C ARG B 264 -16.50 1.17 10.28
N GLU B 265 -16.39 2.33 9.63
CA GLU B 265 -15.23 3.22 9.78
C GLU B 265 -15.01 3.62 11.23
N ARG B 266 -16.11 3.76 11.96
CA ARG B 266 -16.03 4.15 13.36
C ARG B 266 -15.27 3.17 14.23
N SER B 267 -14.99 1.98 13.73
CA SER B 267 -14.22 1.00 14.48
C SER B 267 -12.80 1.50 14.68
N LEU B 268 -12.34 2.38 13.79
CA LEU B 268 -10.99 2.90 13.87
C LEU B 268 -10.93 4.21 14.62
N ASN B 269 -9.74 4.55 15.11
CA ASN B 269 -9.54 5.83 15.76
C ASN B 269 -9.23 6.73 14.56
N LEU B 270 -10.28 7.34 14.01
CA LEU B 270 -10.12 8.21 12.85
C LEU B 270 -9.21 9.41 13.06
N LYS B 271 -9.14 9.88 14.30
CA LYS B 271 -8.32 11.01 14.66
C LYS B 271 -6.84 10.68 14.44
N SER B 272 -6.35 9.59 15.04
CA SER B 272 -4.95 9.24 14.85
C SER B 272 -4.64 8.77 13.43
N LEU B 273 -5.65 8.30 12.70
CA LEU B 273 -5.44 7.87 11.32
C LEU B 273 -5.18 9.10 10.47
N LEU B 274 -6.02 10.10 10.65
CA LEU B 274 -5.91 11.36 9.92
C LEU B 274 -4.54 12.03 10.15
N GLN B 275 -4.11 12.12 11.41
CA GLN B 275 -2.82 12.74 11.71
C GLN B 275 -1.69 11.95 11.08
N TRP B 276 -1.81 10.62 11.08
CA TRP B 276 -0.79 9.79 10.49
C TRP B 276 -0.68 9.99 8.98
N VAL B 277 -1.79 9.82 8.24
CA VAL B 277 -1.77 9.98 6.78
C VAL B 277 -1.32 11.37 6.32
N THR B 278 -1.76 12.43 7.00
CA THR B 278 -1.35 13.79 6.63
C THR B 278 0.16 13.99 6.81
N SER B 279 0.74 13.33 7.81
CA SER B 279 2.17 13.39 8.03
C SER B 279 2.96 12.63 6.98
N ARG B 280 2.30 11.75 6.23
CA ARG B 280 3.00 10.98 5.20
C ARG B 280 3.28 11.78 3.91
N GLN B 281 2.82 13.03 3.86
CA GLN B 281 3.08 13.85 2.69
C GLN B 281 4.43 14.53 2.94
N MET B 282 5.35 14.34 1.99
CA MET B 282 6.69 14.88 2.08
C MET B 282 6.73 16.39 1.91
N ARG B 283 7.19 17.10 2.94
CA ARG B 283 7.26 18.56 2.91
C ARG B 283 8.06 19.10 1.74
N PHE B 284 9.12 18.41 1.35
CA PHE B 284 9.92 18.90 0.23
C PHE B 284 9.45 18.38 -1.11
N GLU B 285 9.35 17.08 -1.26
CA GLU B 285 8.93 16.49 -2.52
C GLU B 285 7.49 16.79 -2.93
N GLY B 286 6.58 16.85 -1.96
CA GLY B 286 5.18 17.11 -2.26
C GLY B 286 4.38 15.83 -2.41
N GLY B 287 5.06 14.73 -2.73
CA GLY B 287 4.41 13.44 -2.90
C GLY B 287 4.29 12.73 -1.55
N PHE B 288 3.85 11.48 -1.56
CA PHE B 288 3.70 10.74 -0.29
C PHE B 288 4.68 9.58 -0.14
N GLN B 289 5.00 9.25 1.11
CA GLN B 289 5.87 8.12 1.42
C GLN B 289 4.93 6.99 1.89
N GLY B 290 5.40 5.75 1.89
CA GLY B 290 4.54 4.65 2.29
C GLY B 290 4.41 4.44 3.78
N ARG B 291 5.48 4.78 4.50
CA ARG B 291 5.52 4.65 5.94
C ARG B 291 6.53 5.67 6.43
N CYS B 292 6.48 6.00 7.70
CA CYS B 292 7.38 6.99 8.24
C CYS B 292 8.83 6.63 8.00
N ASN B 293 9.63 7.64 7.70
CA ASN B 293 11.07 7.51 7.45
C ASN B 293 11.50 6.69 6.25
N LYS B 294 10.62 6.59 5.27
CA LYS B 294 10.98 5.90 4.05
C LYS B 294 10.83 6.93 2.93
N LEU B 295 11.00 6.51 1.68
CA LEU B 295 10.98 7.45 0.56
C LEU B 295 9.68 7.74 -0.14
N VAL B 296 9.66 8.89 -0.83
CA VAL B 296 8.49 9.32 -1.59
C VAL B 296 8.30 8.37 -2.78
N ASP B 297 7.07 8.20 -3.22
CA ASP B 297 6.80 7.31 -4.35
C ASP B 297 5.45 7.74 -4.89
N GLY B 298 5.41 7.90 -6.22
CA GLY B 298 4.20 8.32 -6.90
C GLY B 298 2.96 7.46 -6.72
N CYS B 299 3.10 6.14 -6.56
CA CYS B 299 1.93 5.28 -6.38
C CYS B 299 1.19 5.60 -5.08
N TYR B 300 1.91 6.16 -4.09
CA TYR B 300 1.28 6.54 -2.82
C TYR B 300 0.41 7.77 -3.02
N SER B 301 0.51 8.38 -4.20
CA SER B 301 -0.33 9.50 -4.55
C SER B 301 -1.75 9.00 -4.46
N PHE B 302 -1.96 7.70 -4.70
CA PHE B 302 -3.28 7.15 -4.55
C PHE B 302 -3.50 6.47 -3.18
N TRP B 303 -2.64 5.53 -2.81
CA TRP B 303 -2.81 4.82 -1.54
C TRP B 303 -2.91 5.72 -0.32
N GLN B 304 -2.08 6.75 -0.26
CA GLN B 304 -2.08 7.65 0.88
C GLN B 304 -3.11 8.76 0.69
N ALA B 305 -2.94 9.56 -0.37
CA ALA B 305 -3.85 10.67 -0.64
C ALA B 305 -5.31 10.21 -0.76
N GLY B 306 -5.52 9.00 -1.26
CA GLY B 306 -6.86 8.47 -1.41
C GLY B 306 -7.56 8.29 -0.06
N LEU B 307 -6.78 8.21 1.02
CA LEU B 307 -7.35 8.06 2.35
C LEU B 307 -8.07 9.33 2.80
N LEU B 308 -7.66 10.47 2.28
CA LEU B 308 -8.27 11.73 2.67
C LEU B 308 -9.74 11.90 2.28
N PRO B 309 -10.13 11.48 1.05
CA PRO B 309 -11.53 11.59 0.62
C PRO B 309 -12.35 10.63 1.48
N LEU B 310 -11.75 9.49 1.81
CA LEU B 310 -12.39 8.47 2.67
C LEU B 310 -12.62 8.99 4.10
N LEU B 311 -11.59 9.59 4.69
CA LEU B 311 -11.67 10.15 6.04
C LEU B 311 -12.69 11.28 6.07
N HIS B 312 -12.68 12.08 5.02
CA HIS B 312 -13.60 13.20 4.87
C HIS B 312 -15.05 12.70 4.93
N ARG B 313 -15.36 11.70 4.12
CA ARG B 313 -16.67 11.09 4.05
C ARG B 313 -17.03 10.53 5.43
N ALA B 314 -16.09 9.83 6.07
CA ALA B 314 -16.33 9.23 7.39
C ALA B 314 -16.65 10.27 8.46
N LEU B 315 -15.89 11.37 8.49
CA LEU B 315 -16.09 12.45 9.44
C LEU B 315 -17.38 13.22 9.17
N HIS B 316 -17.64 13.53 7.89
CA HIS B 316 -18.84 14.24 7.46
C HIS B 316 -20.04 13.43 7.89
N ALA B 317 -19.92 12.11 7.77
CA ALA B 317 -20.98 11.19 8.16
C ALA B 317 -21.32 11.38 9.63
N GLN B 318 -20.31 11.46 10.49
CA GLN B 318 -20.58 11.66 11.92
C GLN B 318 -20.70 13.14 12.29
N GLY B 319 -21.18 13.95 11.35
CA GLY B 319 -21.39 15.39 11.56
C GLY B 319 -20.26 16.25 12.12
N ASP B 320 -19.11 16.22 11.46
CA ASP B 320 -17.98 17.02 11.90
C ASP B 320 -18.22 18.43 11.35
N PRO B 321 -18.41 19.42 12.23
CA PRO B 321 -18.65 20.77 11.75
C PRO B 321 -17.43 21.56 11.23
N ALA B 322 -16.22 21.06 11.50
CA ALA B 322 -15.03 21.76 11.04
C ALA B 322 -14.50 21.34 9.68
N LEU B 323 -15.13 20.33 9.08
CA LEU B 323 -14.66 19.88 7.77
C LEU B 323 -14.72 20.96 6.70
N SER B 324 -13.71 20.99 5.85
CA SER B 324 -13.64 21.95 4.76
C SER B 324 -14.74 21.64 3.76
N MET B 325 -15.16 22.66 3.02
CA MET B 325 -16.20 22.47 2.02
C MET B 325 -15.58 22.61 0.63
N SER B 326 -14.26 22.62 0.54
CA SER B 326 -13.67 22.80 -0.76
C SER B 326 -12.32 22.12 -0.94
N HIS B 327 -11.78 21.54 0.14
CA HIS B 327 -10.46 20.89 0.04
C HIS B 327 -10.29 19.61 0.83
N TRP B 328 -9.40 18.74 0.34
CA TRP B 328 -9.05 17.49 1.01
C TRP B 328 -8.00 17.93 2.03
N MET B 329 -7.85 17.20 3.13
CA MET B 329 -6.86 17.61 4.12
C MET B 329 -5.41 17.24 3.83
N PHE B 330 -4.96 17.57 2.64
CA PHE B 330 -3.59 17.36 2.22
C PHE B 330 -3.30 18.45 1.20
N HIS B 331 -2.03 18.64 0.86
CA HIS B 331 -1.67 19.68 -0.08
C HIS B 331 -1.90 19.22 -1.52
N GLN B 332 -3.09 19.54 -2.05
CA GLN B 332 -3.47 19.16 -3.41
C GLN B 332 -2.52 19.68 -4.48
N GLN B 333 -2.09 20.93 -4.29
CA GLN B 333 -1.18 21.56 -5.23
C GLN B 333 0.17 20.85 -5.24
N ALA B 334 0.76 20.69 -4.07
CA ALA B 334 2.06 20.05 -3.93
C ALA B 334 2.06 18.64 -4.51
N LEU B 335 1.00 17.88 -4.27
CA LEU B 335 0.96 16.54 -4.82
C LEU B 335 0.97 16.59 -6.35
N GLN B 336 0.21 17.52 -6.93
CA GLN B 336 0.12 17.66 -8.39
C GLN B 336 1.47 18.09 -8.97
N GLU B 337 2.19 18.91 -8.22
CA GLU B 337 3.49 19.38 -8.66
C GLU B 337 4.46 18.22 -8.71
N TYR B 338 4.41 17.40 -7.67
CA TYR B 338 5.28 16.25 -7.60
C TYR B 338 5.00 15.30 -8.76
N ILE B 339 3.74 14.93 -8.95
CA ILE B 339 3.39 14.02 -10.02
C ILE B 339 3.72 14.59 -11.40
N LEU B 340 3.29 15.81 -11.70
CA LEU B 340 3.55 16.41 -13.01
C LEU B 340 5.03 16.69 -13.29
N MET B 341 5.76 17.16 -12.28
CA MET B 341 7.18 17.47 -12.49
C MET B 341 8.15 16.33 -12.29
N CYS B 342 7.85 15.40 -11.39
CA CYS B 342 8.78 14.31 -11.12
C CYS B 342 8.36 12.88 -11.51
N CYS B 343 7.10 12.65 -11.81
CA CYS B 343 6.66 11.29 -12.11
C CYS B 343 6.28 10.94 -13.54
N GLN B 344 6.59 11.82 -14.48
CA GLN B 344 6.27 11.53 -15.86
C GLN B 344 7.48 11.08 -16.66
N CYS B 345 7.30 10.00 -17.41
CA CYS B 345 8.37 9.51 -18.26
C CYS B 345 8.21 10.26 -19.59
N PRO B 346 9.32 10.86 -20.09
CA PRO B 346 9.34 11.62 -21.35
C PRO B 346 8.64 10.84 -22.47
N ALA B 347 8.99 9.55 -22.56
CA ALA B 347 8.46 8.64 -23.56
C ALA B 347 7.03 8.12 -23.30
N GLY B 348 6.38 8.59 -22.23
CA GLY B 348 5.05 8.10 -21.93
C GLY B 348 5.08 7.26 -20.66
N GLY B 349 3.92 7.10 -20.02
CA GLY B 349 3.88 6.37 -18.76
C GLY B 349 4.36 7.20 -17.56
N LEU B 350 4.04 6.75 -16.34
CA LEU B 350 4.45 7.44 -15.14
C LEU B 350 5.25 6.53 -14.24
N LEU B 351 5.92 7.11 -13.25
CA LEU B 351 6.78 6.33 -12.38
C LEU B 351 6.80 6.67 -10.88
N ASP B 352 7.60 5.91 -10.15
CA ASP B 352 7.77 6.07 -8.70
C ASP B 352 8.43 7.42 -8.39
N LYS B 353 9.66 7.58 -8.82
CA LYS B 353 10.40 8.82 -8.59
C LYS B 353 11.43 8.95 -9.72
N PRO B 354 12.00 10.14 -9.90
CA PRO B 354 13.01 10.37 -10.95
C PRO B 354 14.11 9.30 -10.96
N GLY B 355 14.35 8.72 -12.13
CA GLY B 355 15.40 7.72 -12.21
C GLY B 355 14.87 6.30 -12.18
N LYS B 356 13.57 6.14 -11.95
CA LYS B 356 12.95 4.82 -11.92
C LYS B 356 12.34 4.56 -13.30
N SER B 357 12.19 3.30 -13.66
CA SER B 357 11.59 2.97 -14.93
C SER B 357 10.10 3.08 -14.80
N ARG B 358 9.45 3.48 -15.87
CA ARG B 358 8.01 3.58 -15.87
C ARG B 358 7.45 2.16 -15.84
N ASP B 359 6.17 2.02 -15.48
CA ASP B 359 5.49 0.73 -15.47
C ASP B 359 3.99 1.00 -15.37
N PHE B 360 3.18 0.03 -15.76
CA PHE B 360 1.73 0.22 -15.75
C PHE B 360 1.12 0.47 -14.38
N TYR B 361 1.69 -0.14 -13.34
CA TYR B 361 1.19 0.02 -11.99
C TYR B 361 1.28 1.49 -11.56
N HIS B 362 2.45 2.10 -11.76
CA HIS B 362 2.64 3.50 -11.39
C HIS B 362 1.88 4.44 -12.29
N THR B 363 1.75 4.09 -13.56
CA THR B 363 0.99 4.93 -14.47
C THR B 363 -0.43 5.01 -13.88
N CYS B 364 -0.97 3.86 -13.49
CA CYS B 364 -2.31 3.80 -12.92
C CYS B 364 -2.46 4.61 -11.63
N TYR B 365 -1.54 4.42 -10.69
CA TYR B 365 -1.65 5.11 -9.41
C TYR B 365 -1.27 6.57 -9.35
N CYS B 366 -0.36 6.98 -10.24
CA CYS B 366 0.04 8.37 -10.31
C CYS B 366 -1.13 9.17 -10.87
N LEU B 367 -1.81 8.61 -11.87
CA LEU B 367 -2.95 9.27 -12.48
C LEU B 367 -4.13 9.28 -11.50
N SER B 368 -4.32 8.18 -10.78
CA SER B 368 -5.42 8.11 -9.81
C SER B 368 -5.23 9.21 -8.76
N GLY B 369 -4.00 9.34 -8.28
CA GLY B 369 -3.69 10.34 -7.28
C GLY B 369 -3.86 11.72 -7.83
N LEU B 370 -3.41 11.93 -9.07
CA LEU B 370 -3.53 13.24 -9.72
C LEU B 370 -5.02 13.65 -9.75
N SER B 371 -5.87 12.71 -10.16
CA SER B 371 -7.30 12.96 -10.22
C SER B 371 -7.89 13.32 -8.84
N ILE B 372 -7.44 12.64 -7.78
CA ILE B 372 -7.95 12.94 -6.44
C ILE B 372 -7.45 14.33 -6.02
N ALA B 373 -6.21 14.65 -6.33
CA ALA B 373 -5.63 15.93 -5.97
C ALA B 373 -6.33 17.07 -6.69
N GLN B 374 -6.91 16.76 -7.85
CA GLN B 374 -7.61 17.73 -8.69
C GLN B 374 -9.06 17.98 -8.33
N HIS B 375 -9.75 16.94 -7.85
CA HIS B 375 -11.18 17.03 -7.56
C HIS B 375 -11.65 16.84 -6.12
N PHE B 376 -12.41 17.81 -5.60
CA PHE B 376 -13.00 17.72 -4.29
C PHE B 376 -14.52 17.71 -4.42
N GLY B 377 -15.20 16.93 -3.59
CA GLY B 377 -16.66 16.88 -3.62
C GLY B 377 -17.20 16.32 -2.32
N SER B 378 -18.24 16.95 -1.78
CA SER B 378 -18.85 16.51 -0.52
C SER B 378 -20.26 17.08 -0.53
N GLY B 379 -21.25 16.20 -0.72
CA GLY B 379 -22.63 16.66 -0.82
C GLY B 379 -22.69 17.25 -2.22
N ALA B 380 -23.40 18.38 -2.39
CA ALA B 380 -23.47 19.01 -3.70
C ALA B 380 -22.32 20.01 -3.88
N MET B 381 -21.34 19.92 -2.98
CA MET B 381 -20.15 20.77 -2.97
C MET B 381 -19.08 20.22 -3.91
N LEU B 382 -18.67 21.01 -4.89
CA LEU B 382 -17.62 20.60 -5.80
C LEU B 382 -16.59 21.71 -5.84
N HIS B 383 -15.33 21.34 -6.04
CA HIS B 383 -14.29 22.34 -6.12
C HIS B 383 -13.03 21.73 -6.74
N ASP B 384 -12.68 22.22 -7.93
CA ASP B 384 -11.51 21.71 -8.61
C ASP B 384 -10.26 22.57 -8.49
N VAL B 385 -9.11 21.93 -8.62
CA VAL B 385 -7.82 22.59 -8.55
C VAL B 385 -7.00 21.88 -9.61
N VAL B 386 -7.09 22.32 -10.86
CA VAL B 386 -6.33 21.68 -11.92
C VAL B 386 -5.08 22.50 -12.21
N LEU B 387 -3.95 22.08 -11.64
CA LEU B 387 -2.69 22.77 -11.85
C LEU B 387 -2.24 22.63 -13.32
N GLY B 388 -1.67 23.69 -13.87
CA GLY B 388 -1.18 23.65 -15.24
C GLY B 388 -2.20 23.94 -16.32
N VAL B 389 -1.95 23.45 -17.52
CA VAL B 389 -2.87 23.66 -18.63
C VAL B 389 -4.17 22.96 -18.30
N PRO B 390 -5.31 23.57 -18.65
CA PRO B 390 -6.63 22.99 -18.37
C PRO B 390 -6.80 21.54 -18.83
N GLU B 391 -6.11 21.20 -19.91
CA GLU B 391 -6.16 19.85 -20.47
C GLU B 391 -5.63 18.80 -19.48
N ASN B 392 -4.95 19.26 -18.43
CA ASN B 392 -4.40 18.36 -17.43
C ASN B 392 -5.50 17.68 -16.64
N ALA B 393 -6.67 18.31 -16.57
CA ALA B 393 -7.79 17.77 -15.81
C ALA B 393 -8.12 16.34 -16.23
N LEU B 394 -8.18 15.45 -15.25
CA LEU B 394 -8.49 14.04 -15.50
C LEU B 394 -9.93 13.75 -15.10
N GLN B 395 -10.38 12.56 -15.47
CA GLN B 395 -11.71 12.11 -15.11
C GLN B 395 -11.66 11.78 -13.62
N PRO B 396 -12.77 11.98 -12.89
CA PRO B 396 -12.75 11.66 -11.46
C PRO B 396 -12.71 10.15 -11.17
N THR B 397 -12.19 9.78 -10.01
CA THR B 397 -12.10 8.37 -9.65
C THR B 397 -12.79 8.16 -8.29
N HIS B 398 -13.38 6.99 -8.10
CA HIS B 398 -14.05 6.69 -6.84
C HIS B 398 -12.97 6.33 -5.81
N PRO B 399 -12.95 7.01 -4.63
CA PRO B 399 -11.94 6.75 -3.59
C PRO B 399 -11.92 5.35 -2.97
N VAL B 400 -13.07 4.69 -2.89
CA VAL B 400 -13.13 3.32 -2.35
C VAL B 400 -12.68 2.27 -3.37
N TYR B 401 -13.27 2.29 -4.56
CA TYR B 401 -12.97 1.31 -5.59
C TYR B 401 -11.92 1.68 -6.61
N ASN B 402 -11.60 2.96 -6.72
CA ASN B 402 -10.63 3.45 -7.69
C ASN B 402 -10.95 3.09 -9.15
N ILE B 403 -12.21 3.29 -9.52
CA ILE B 403 -12.67 3.15 -10.89
C ILE B 403 -13.65 4.33 -10.93
N GLY B 404 -13.94 4.85 -12.11
CA GLY B 404 -14.85 5.99 -12.21
C GLY B 404 -16.11 5.86 -11.39
N PRO B 405 -16.63 6.96 -10.83
CA PRO B 405 -17.86 6.98 -10.01
C PRO B 405 -19.07 6.55 -10.85
N ASP B 406 -19.10 6.95 -12.11
CA ASP B 406 -20.19 6.55 -12.99
C ASP B 406 -20.21 5.02 -13.09
N LYS B 407 -19.04 4.42 -13.33
CA LYS B 407 -18.89 2.96 -13.45
C LYS B 407 -19.35 2.22 -12.19
N VAL B 408 -19.08 2.80 -11.01
CA VAL B 408 -19.51 2.23 -9.74
C VAL B 408 -21.03 2.16 -9.64
N ILE B 409 -21.72 3.28 -9.84
CA ILE B 409 -23.18 3.34 -9.78
C ILE B 409 -23.81 2.39 -10.77
N GLN B 410 -23.35 2.47 -12.01
CA GLN B 410 -23.83 1.65 -13.09
C GLN B 410 -23.69 0.16 -12.73
N ALA B 411 -22.51 -0.24 -12.30
CA ALA B 411 -22.25 -1.64 -11.91
C ALA B 411 -23.10 -2.08 -10.72
N THR B 412 -23.11 -1.31 -9.64
CA THR B 412 -23.90 -1.71 -8.47
C THR B 412 -25.39 -1.73 -8.79
N THR B 413 -25.84 -0.83 -9.65
CA THR B 413 -27.24 -0.79 -10.04
C THR B 413 -27.61 -2.09 -10.78
N TYR B 414 -26.76 -2.48 -11.73
CA TYR B 414 -26.95 -3.70 -12.51
C TYR B 414 -27.08 -4.95 -11.63
N PHE B 415 -26.09 -5.16 -10.77
CA PHE B 415 -26.08 -6.34 -9.90
C PHE B 415 -27.11 -6.28 -8.78
N LEU B 416 -27.59 -5.10 -8.42
CA LEU B 416 -28.59 -5.01 -7.36
C LEU B 416 -29.91 -5.58 -7.89
N GLN B 417 -30.03 -5.68 -9.20
CA GLN B 417 -31.23 -6.24 -9.81
C GLN B 417 -31.21 -7.77 -9.79
N LYS B 418 -30.14 -8.33 -9.24
CA LYS B 418 -29.96 -9.77 -9.13
C LYS B 418 -29.98 -10.16 -7.65
N PRO B 419 -30.31 -11.43 -7.34
CA PRO B 419 -30.35 -11.86 -5.94
C PRO B 419 -28.96 -12.29 -5.46
N VAL B 420 -28.75 -12.25 -4.14
CA VAL B 420 -27.49 -12.67 -3.55
C VAL B 420 -27.51 -14.19 -3.70
N PRO B 421 -26.47 -14.77 -4.36
CA PRO B 421 -26.38 -16.21 -4.58
C PRO B 421 -26.88 -17.15 -3.46
N GLY B 422 -27.97 -17.88 -3.76
CA GLY B 422 -28.57 -18.82 -2.83
C GLY B 422 -29.05 -18.27 -1.51
N PHE B 423 -29.34 -16.97 -1.44
CA PHE B 423 -29.73 -16.35 -0.18
C PHE B 423 -30.94 -15.40 -0.29
N GLU B 424 -31.88 -15.54 0.66
CA GLU B 424 -33.15 -14.77 0.81
C GLU B 424 -34.09 -14.62 -0.42
C1 GLC C . -3.70 0.40 18.27
C2 GLC C . -3.23 -1.07 18.35
C3 GLC C . -3.16 -1.42 19.95
C4 GLC C . -2.13 -0.47 20.63
C5 GLC C . -2.51 1.02 20.36
C6 GLC C . -1.45 2.04 20.79
O2 GLC C . -4.17 -1.94 17.74
O3 GLC C . -2.71 -2.77 20.03
O4 GLC C . -2.11 -0.78 22.02
O5 GLC C . -2.72 1.25 18.94
O6 GLC C . -2.05 3.32 20.94
C1 FRU C . -6.94 0.50 17.37
C2 FRU C . -6.02 1.40 18.30
C3 FRU C . -6.73 2.32 19.35
C4 FRU C . -5.74 3.49 19.46
C5 FRU C . -5.22 3.65 18.01
C6 FRU C . -3.77 4.19 17.87
O1 FRU C . -7.92 1.19 16.59
O2 FRU C . -5.00 0.56 18.90
O3 FRU C . -6.89 1.70 20.65
O4 FRU C . -6.35 4.66 20.01
O5 FRU C . -5.31 2.33 17.42
O6 FRU C . -3.54 4.64 16.53
C ACY D . 2.50 -15.05 5.63
O ACY D . 1.77 -16.14 5.54
OXT ACY D . 2.19 -13.94 6.19
CH3 ACY D . 3.86 -15.19 5.00
ZN ZN E . 5.36 2.67 -5.95
C1 FPP F . 6.42 -2.50 1.25
O1 FPP F . 7.30 -2.60 0.13
C2 FPP F . 4.99 -2.60 0.82
C3 FPP F . 4.16 -3.62 1.15
C4 FPP F . 4.60 -4.80 2.00
C5 FPP F . 2.72 -3.72 0.71
C6 FPP F . 2.21 -2.51 -0.06
C7 FPP F . 0.72 -2.58 -0.30
C8 FPP F . 0.08 -1.92 -1.30
C10 FPP F . 0.79 -1.03 -2.28
C9 FPP F . -1.39 -1.99 -1.51
C11 FPP F . -1.87 -3.28 -2.17
C12 FPP F . -3.33 -3.18 -2.48
C13 FPP F . -4.07 -4.13 -3.06
C14 FPP F . -3.50 -5.45 -3.52
C15 FPP F . -5.54 -3.95 -3.33
PA FPP F . 8.51 -1.56 0.02
O1A FPP F . 9.50 -1.68 1.14
O2A FPP F . 9.16 -1.86 -1.34
O3A FPP F . 7.88 -0.09 -0.07
PB FPP F . 8.15 1.23 0.79
O1B FPP F . 9.59 1.54 0.99
O2B FPP F . 7.41 0.99 2.12
O3B FPP F . 7.42 2.37 0.02
CBC 739 G . 5.57 0.54 -3.86
SCC 739 G . 6.01 0.42 -5.63
CC 739 G . 5.47 -1.92 -3.77
NC 739 G . 7.54 -0.75 -3.20
CAC 739 G . 6.05 -0.68 -3.10
NI 739 G . 5.42 -3.07 -2.96
CAI 739 G . 4.88 -4.21 -3.66
CBI 739 G . 5.68 -5.46 -3.09
CCI 739 G . 5.57 -5.57 -1.57
CDI 739 G . 5.17 -6.77 -3.73
CEI 739 G . 5.88 -8.01 -3.23
CI 739 G . 3.36 -4.25 -3.42
O'F 739 G . 2.66 -5.39 -4.10
CAF 739 G . 1.25 -5.34 -3.82
CBF 739 G . 0.58 -4.44 -4.88
CCF 739 G . 0.67 -5.07 -6.23
CDF 739 G . -0.45 -5.70 -6.77
CEF 739 G . 1.85 -5.07 -6.95
CFF 739 G . -0.39 -6.32 -8.02
CGF 739 G . 1.93 -5.70 -8.21
CHF 739 G . 0.79 -6.33 -8.75
CF 739 G . 0.72 -6.78 -4.00
OF 739 G . -0.46 -7.03 -3.79
NM 739 G . 1.56 -7.69 -4.46
CAM 739 G . 1.09 -9.06 -4.70
CBM 739 G . 0.33 -9.16 -6.04
CCM 739 G . -0.17 -10.56 -6.28
SDM 739 G . -0.99 -10.78 -7.74
ODM 739 G . -0.14 -10.24 -8.91
OEM 739 G . -2.54 -10.18 -7.70
CEM 739 G . -0.94 -12.49 -8.00
CM 739 G . 2.30 -9.98 -4.76
O 739 G . 2.17 -11.19 -4.41
OXT 739 G . 3.37 -9.48 -5.14
#